data_7AJV
#
_entry.id   7AJV
#
_cell.length_a   58.079
_cell.length_b   84.758
_cell.length_c   84.685
_cell.angle_alpha   90.000
_cell.angle_beta   107.540
_cell.angle_gamma   90.000
#
_symmetry.space_group_name_H-M   'P 1 21 1'
#
loop_
_entity.id
_entity.type
_entity.pdbx_description
1 polymer 'Dual specificity tyrosine-phosphorylation-regulated kinase 1A'
2 non-polymer 4-(2,3-dibutylimidazo[4,5-b]pyridin-5-yl)pyridine-2,6-diamine
3 non-polymer 'CHLORIDE ION'
4 water water
#
_entity_poly.entity_id   1
_entity_poly.type   'polypeptide(L)'
_entity_poly.pdbx_seq_one_letter_code
;MGSSHHHHHHSSGLVPRG(SEP)HMIVKNGEKWMDRYEIDSLIGKGSFGQVVKAYDRVEQEWVAIKIIKNKKAFLNQAQI
EVRLLELMNKHDTEMKYYIVHLKRHFMFRNHLCLVFEMLSYNLYDLLRNTNFRGVSLNLTRKFAQQMCTALLFLATPELS
IIHCDLKPENILLCNPKRSAIKIVDFGSSCQLGQRIYQ(PTR)IQSRFYRSPEVLLGMPYDLAIDMWSLGCILVEMHTGE
PLFSGANEVDQMNKIVEVLGIPPAHILDQAPKARKFFEKLPDGTWNLKKTKDGKREYKPPGTRKLHNILGVETGGPGGRR
AGESGHTVADYLKFKDLILRMLDYDPKTRIQPYYALQHSFFKKTADE
;
_entity_poly.pdbx_strand_id   A,B
#
loop_
_chem_comp.id
_chem_comp.type
_chem_comp.name
_chem_comp.formula
CL non-polymer 'CHLORIDE ION' 'Cl -1'
RKK non-polymer 4-(2,3-dibutylimidazo[4,5-b]pyridin-5-yl)pyridine-2,6-diamine 'C19 H26 N6'
#
# COMPACT_ATOMS: atom_id res chain seq x y z
N ARG A 17 2.89 -14.44 -10.50
CA ARG A 17 1.56 -13.75 -10.47
C ARG A 17 1.36 -13.05 -9.14
N GLY A 18 1.40 -11.71 -9.14
CA GLY A 18 1.25 -10.88 -7.93
C GLY A 18 2.56 -10.22 -7.51
N SEP A 19 2.46 -9.42 -6.45
CA SEP A 19 3.54 -8.58 -5.95
CB SEP A 19 2.99 -7.50 -5.02
OG SEP A 19 1.59 -7.26 -5.32
C SEP A 19 4.60 -9.41 -5.22
O SEP A 19 5.76 -9.00 -5.22
P SEP A 19 0.41 -7.99 -4.46
O1P SEP A 19 -0.82 -7.84 -5.34
O2P SEP A 19 0.29 -7.26 -3.13
O3P SEP A 19 0.83 -9.45 -4.31
N HIS A 20 4.18 -10.50 -4.55
CA HIS A 20 5.05 -11.24 -3.65
C HIS A 20 5.92 -12.22 -4.44
N MET A 21 7.11 -12.50 -3.92
CA MET A 21 8.01 -13.61 -4.37
C MET A 21 7.46 -14.90 -3.76
N ILE A 22 7.49 -16.03 -4.46
CA ILE A 22 7.04 -17.32 -3.87
C ILE A 22 8.24 -17.88 -3.09
N VAL A 23 8.04 -18.23 -1.82
CA VAL A 23 9.14 -18.66 -0.91
C VAL A 23 8.73 -19.99 -0.25
N LYS A 24 9.49 -21.05 -0.55
CA LYS A 24 9.32 -22.39 0.08
C LYS A 24 10.48 -22.58 1.07
N ASN A 25 10.18 -22.89 2.32
CA ASN A 25 11.22 -23.21 3.32
C ASN A 25 12.04 -24.37 2.75
N GLY A 26 13.37 -24.25 2.74
CA GLY A 26 14.28 -25.30 2.23
C GLY A 26 15.07 -24.86 1.03
N GLU A 27 14.55 -23.92 0.23
CA GLU A 27 15.20 -23.38 -0.99
C GLU A 27 16.56 -22.76 -0.69
N LYS A 28 17.45 -22.72 -1.69
CA LYS A 28 18.79 -22.07 -1.59
C LYS A 28 19.00 -21.13 -2.79
N TRP A 29 19.26 -19.83 -2.53
CA TRP A 29 19.29 -18.76 -3.57
C TRP A 29 20.75 -18.46 -3.91
N MET A 30 21.12 -18.48 -5.20
CA MET A 30 22.46 -18.10 -5.73
C MET A 30 23.58 -18.93 -5.09
N ASP A 31 23.25 -20.13 -4.61
CA ASP A 31 24.18 -20.94 -3.79
C ASP A 31 24.95 -20.03 -2.81
N ARG A 32 24.24 -19.17 -2.06
CA ARG A 32 24.78 -18.34 -0.96
C ARG A 32 23.78 -18.38 0.21
N TYR A 33 22.47 -18.26 -0.05
CA TYR A 33 21.46 -18.13 1.03
C TYR A 33 20.55 -19.34 1.10
N GLU A 34 20.50 -20.01 2.25
CA GLU A 34 19.58 -21.13 2.52
C GLU A 34 18.37 -20.56 3.22
N ILE A 35 17.17 -20.67 2.64
CA ILE A 35 15.95 -20.06 3.21
C ILE A 35 15.39 -20.99 4.27
N ASP A 36 15.13 -20.44 5.46
CA ASP A 36 14.70 -21.22 6.64
C ASP A 36 13.19 -21.06 6.85
N SER A 37 12.70 -19.82 6.78
CA SER A 37 11.29 -19.49 7.11
C SER A 37 10.96 -18.05 6.74
N LEU A 38 9.67 -17.74 6.74
CA LEU A 38 9.14 -16.37 6.58
C LEU A 38 9.01 -15.78 7.99
N ILE A 39 9.84 -14.81 8.34
CA ILE A 39 9.66 -14.18 9.67
C ILE A 39 8.35 -13.40 9.66
N GLY A 40 8.12 -12.56 8.65
CA GLY A 40 7.04 -11.57 8.69
C GLY A 40 6.70 -10.99 7.33
N LYS A 41 5.59 -10.26 7.28
CA LYS A 41 5.09 -9.55 6.08
C LYS A 41 4.88 -8.08 6.50
N GLY A 42 4.81 -7.19 5.52
CA GLY A 42 4.41 -5.79 5.71
C GLY A 42 3.95 -5.24 4.40
N SER A 43 3.56 -3.97 4.37
CA SER A 43 3.15 -3.20 3.17
C SER A 43 4.19 -3.37 2.05
N PHE A 44 5.47 -3.34 2.42
CA PHE A 44 6.65 -3.32 1.52
C PHE A 44 6.90 -4.67 0.84
N GLY A 45 6.45 -5.77 1.43
CA GLY A 45 6.86 -7.12 0.98
C GLY A 45 7.01 -8.06 2.15
N GLN A 46 8.07 -8.86 2.10
CA GLN A 46 8.29 -10.03 3.01
C GLN A 46 9.65 -9.92 3.70
N VAL A 47 9.77 -10.48 4.89
CA VAL A 47 11.10 -10.69 5.52
C VAL A 47 11.25 -12.19 5.76
N VAL A 48 12.31 -12.78 5.23
CA VAL A 48 12.64 -14.22 5.44
C VAL A 48 13.93 -14.33 6.26
N LYS A 49 13.99 -15.34 7.13
CA LYS A 49 15.24 -15.76 7.83
C LYS A 49 16.02 -16.71 6.93
N ALA A 50 17.31 -16.47 6.72
CA ALA A 50 18.19 -17.30 5.86
C ALA A 50 19.64 -17.32 6.37
N TYR A 51 20.43 -18.32 5.98
CA TYR A 51 21.86 -18.47 6.35
C TYR A 51 22.78 -18.08 5.20
N ASP A 52 23.64 -17.07 5.40
CA ASP A 52 24.60 -16.57 4.38
C ASP A 52 25.87 -17.42 4.44
N ARG A 53 26.08 -18.29 3.46
CA ARG A 53 27.20 -19.28 3.48
C ARG A 53 28.57 -18.59 3.37
N VAL A 54 28.70 -17.46 2.68
CA VAL A 54 30.04 -16.80 2.58
C VAL A 54 30.32 -16.01 3.88
N GLU A 55 29.31 -15.45 4.54
CA GLU A 55 29.58 -14.65 5.77
C GLU A 55 29.48 -15.57 6.98
N GLN A 56 28.90 -16.76 6.82
CA GLN A 56 28.68 -17.82 7.84
C GLN A 56 27.82 -17.26 9.00
N GLU A 57 26.57 -16.86 8.75
CA GLU A 57 25.70 -16.26 9.79
C GLU A 57 24.25 -16.17 9.30
N TRP A 58 23.31 -16.14 10.25
CA TRP A 58 21.88 -15.83 9.96
C TRP A 58 21.74 -14.38 9.46
N VAL A 59 20.87 -14.18 8.47
CA VAL A 59 20.50 -12.83 7.94
C VAL A 59 18.97 -12.74 7.87
N ALA A 60 18.46 -11.52 7.94
CA ALA A 60 17.04 -11.20 7.66
C ALA A 60 16.99 -10.61 6.26
N ILE A 61 16.27 -11.26 5.35
CA ILE A 61 16.17 -10.73 3.95
C ILE A 61 14.80 -10.10 3.79
N LYS A 62 14.80 -8.78 3.63
CA LYS A 62 13.64 -7.93 3.26
C LYS A 62 13.44 -8.00 1.73
N ILE A 63 12.38 -8.68 1.31
CA ILE A 63 12.04 -8.91 -0.12
C ILE A 63 10.98 -7.88 -0.46
N ILE A 64 11.33 -6.90 -1.28
CA ILE A 64 10.42 -5.81 -1.75
C ILE A 64 9.49 -6.40 -2.82
N LYS A 65 8.20 -6.07 -2.74
CA LYS A 65 7.18 -6.31 -3.77
C LYS A 65 7.67 -5.77 -5.13
N ASN A 66 7.35 -6.51 -6.19
CA ASN A 66 7.63 -6.06 -7.58
C ASN A 66 6.52 -5.08 -8.01
N LYS A 67 6.51 -3.87 -7.47
CA LYS A 67 5.56 -2.78 -7.80
C LYS A 67 6.31 -1.46 -7.61
N LYS A 68 6.13 -0.52 -8.55
CA LYS A 68 6.98 0.69 -8.71
C LYS A 68 7.09 1.43 -7.37
N ALA A 69 5.97 1.64 -6.67
CA ALA A 69 5.88 2.48 -5.45
C ALA A 69 6.76 1.85 -4.34
N PHE A 70 6.71 0.53 -4.17
CA PHE A 70 7.48 -0.18 -3.12
C PHE A 70 8.96 -0.23 -3.53
N LEU A 71 9.24 -0.55 -4.80
CA LEU A 71 10.61 -0.50 -5.36
C LEU A 71 11.21 0.88 -5.08
N ASN A 72 10.43 1.95 -5.32
CA ASN A 72 10.89 3.36 -5.18
C ASN A 72 11.20 3.70 -3.72
N GLN A 73 10.34 3.29 -2.79
CA GLN A 73 10.56 3.54 -1.34
C GLN A 73 11.84 2.82 -0.94
N ALA A 74 12.00 1.56 -1.37
CA ALA A 74 13.13 0.69 -0.98
C ALA A 74 14.42 1.29 -1.53
N GLN A 75 14.34 1.92 -2.71
CA GLN A 75 15.53 2.52 -3.36
C GLN A 75 16.00 3.72 -2.55
N ILE A 76 15.08 4.49 -1.94
CA ILE A 76 15.44 5.59 -0.99
C ILE A 76 16.06 4.96 0.26
N GLU A 77 15.48 3.86 0.75
CA GLU A 77 15.93 3.17 1.99
C GLU A 77 17.37 2.69 1.78
N VAL A 78 17.66 2.07 0.64
CA VAL A 78 19.03 1.63 0.28
C VAL A 78 19.94 2.85 0.29
N ARG A 79 19.60 3.94 -0.39
CA ARG A 79 20.47 5.15 -0.44
C ARG A 79 20.70 5.68 0.98
N LEU A 80 19.66 5.84 1.81
CA LEU A 80 19.81 6.40 3.19
C LEU A 80 20.63 5.43 4.06
N LEU A 81 20.41 4.12 3.92
CA LEU A 81 21.17 3.15 4.76
C LEU A 81 22.65 3.13 4.33
N GLU A 82 22.95 3.22 3.04
CA GLU A 82 24.36 3.20 2.56
C GLU A 82 25.03 4.52 2.93
N LEU A 83 24.30 5.63 2.93
CA LEU A 83 24.83 6.96 3.36
C LEU A 83 25.25 6.91 4.84
N MET A 84 24.42 6.27 5.68
CA MET A 84 24.62 6.17 7.15
C MET A 84 25.81 5.26 7.44
N ASN A 85 25.94 4.15 6.69
CA ASN A 85 27.03 3.16 6.87
C ASN A 85 28.39 3.78 6.53
N LYS A 86 28.42 4.78 5.67
CA LYS A 86 29.68 5.47 5.32
C LYS A 86 30.26 6.22 6.53
N HIS A 87 29.43 6.67 7.49
CA HIS A 87 29.90 7.50 8.64
C HIS A 87 30.75 6.68 9.60
N ASP A 88 31.76 7.33 10.19
CA ASP A 88 32.73 6.71 11.14
C ASP A 88 32.46 7.25 12.55
N THR A 89 31.21 7.20 13.01
CA THR A 89 30.88 7.36 14.44
C THR A 89 30.35 6.01 14.93
N GLU A 90 30.50 5.77 16.22
CA GLU A 90 29.97 4.59 16.96
C GLU A 90 28.44 4.66 17.02
N MET A 91 27.88 5.87 16.91
CA MET A 91 26.42 6.17 16.99
C MET A 91 25.67 5.48 15.85
N LYS A 92 26.35 5.20 14.73
CA LYS A 92 25.71 4.62 13.54
C LYS A 92 25.20 3.21 13.86
N TYR A 93 25.69 2.60 14.94
CA TYR A 93 25.36 1.19 15.30
C TYR A 93 23.97 1.11 15.96
N TYR A 94 23.24 2.24 16.11
CA TYR A 94 21.84 2.25 16.62
C TYR A 94 20.87 2.10 15.46
N ILE A 95 21.38 1.99 14.22
CA ILE A 95 20.55 1.81 12.98
C ILE A 95 20.85 0.41 12.42
N VAL A 96 19.85 -0.31 11.94
CA VAL A 96 20.07 -1.69 11.41
C VAL A 96 21.13 -1.61 10.29
N HIS A 97 21.97 -2.63 10.19
CA HIS A 97 23.10 -2.72 9.20
C HIS A 97 22.61 -3.43 7.94
N LEU A 98 22.57 -2.71 6.84
CA LEU A 98 22.30 -3.29 5.49
C LEU A 98 23.59 -3.97 5.02
N LYS A 99 23.62 -5.31 5.01
CA LYS A 99 24.83 -6.06 4.58
C LYS A 99 24.99 -5.84 3.08
N ARG A 100 23.95 -6.17 2.33
CA ARG A 100 23.99 -6.29 0.84
C ARG A 100 22.61 -6.02 0.25
N HIS A 101 22.56 -5.58 -0.99
CA HIS A 101 21.31 -5.56 -1.80
C HIS A 101 21.56 -6.12 -3.20
N PHE A 102 20.56 -6.79 -3.75
CA PHE A 102 20.62 -7.43 -5.09
C PHE A 102 19.22 -7.74 -5.61
N MET A 103 19.13 -7.85 -6.93
CA MET A 103 17.90 -8.24 -7.66
C MET A 103 17.86 -9.75 -7.78
N PHE A 104 16.74 -10.40 -7.48
CA PHE A 104 16.61 -11.86 -7.59
C PHE A 104 15.14 -12.20 -7.79
N ARG A 105 14.84 -13.02 -8.82
CA ARG A 105 13.47 -13.38 -9.30
C ARG A 105 12.61 -12.12 -9.41
N ASN A 106 13.21 -11.03 -9.87
CA ASN A 106 12.55 -9.73 -10.22
C ASN A 106 12.15 -8.89 -9.00
N HIS A 107 12.77 -9.15 -7.85
CA HIS A 107 12.54 -8.44 -6.57
C HIS A 107 13.84 -7.84 -6.04
N LEU A 108 13.79 -6.59 -5.60
CA LEU A 108 14.90 -5.98 -4.83
C LEU A 108 14.93 -6.70 -3.46
N CYS A 109 16.10 -7.22 -3.06
CA CYS A 109 16.30 -7.99 -1.80
C CYS A 109 17.34 -7.27 -0.95
N LEU A 110 16.98 -6.87 0.28
CA LEU A 110 17.88 -6.14 1.22
C LEU A 110 18.28 -7.13 2.31
N VAL A 111 19.58 -7.42 2.40
CA VAL A 111 20.13 -8.40 3.37
C VAL A 111 20.55 -7.59 4.59
N PHE A 112 19.87 -7.84 5.70
CA PHE A 112 20.14 -7.21 7.01
C PHE A 112 20.78 -8.24 7.95
N GLU A 113 21.57 -7.73 8.87
CA GLU A 113 21.92 -8.44 10.12
C GLU A 113 20.62 -8.92 10.79
N MET A 114 20.65 -10.10 11.41
CA MET A 114 19.47 -10.68 12.08
C MET A 114 19.40 -10.05 13.48
N LEU A 115 18.24 -9.52 13.87
CA LEU A 115 18.02 -8.86 15.20
C LEU A 115 17.08 -9.76 15.98
N SER A 116 16.35 -9.20 16.94
CA SER A 116 15.51 -10.00 17.85
C SER A 116 14.18 -9.27 18.00
N TYR A 117 13.47 -9.47 19.10
CA TYR A 117 12.09 -8.97 19.33
C TYR A 117 12.01 -7.45 19.13
N ASN A 118 10.87 -6.98 18.64
CA ASN A 118 10.61 -5.52 18.61
C ASN A 118 10.04 -5.12 19.98
N LEU A 119 9.98 -3.82 20.24
CA LEU A 119 9.56 -3.29 21.56
C LEU A 119 8.07 -3.56 21.79
N TYR A 120 7.26 -3.70 20.75
CA TYR A 120 5.84 -4.09 20.90
C TYR A 120 5.74 -5.53 21.46
N ASP A 121 6.53 -6.46 20.91
CA ASP A 121 6.64 -7.86 21.40
C ASP A 121 7.03 -7.84 22.88
N LEU A 122 8.02 -7.04 23.26
CA LEU A 122 8.41 -6.84 24.69
C LEU A 122 7.17 -6.48 25.52
N LEU A 123 6.43 -5.47 25.11
CA LEU A 123 5.23 -5.02 25.85
C LEU A 123 4.25 -6.20 25.96
N ARG A 124 4.05 -6.94 24.88
CA ARG A 124 3.10 -8.08 24.88
C ARG A 124 3.55 -9.09 25.92
N ASN A 125 4.86 -9.37 26.00
CA ASN A 125 5.48 -10.34 26.94
C ASN A 125 5.26 -9.87 28.40
N THR A 126 5.14 -8.58 28.68
CA THR A 126 4.82 -8.07 30.04
C THR A 126 3.31 -8.10 30.27
N ASN A 127 2.56 -8.63 29.30
CA ASN A 127 1.08 -8.53 29.25
C ASN A 127 0.65 -7.04 29.28
N PHE A 128 1.39 -6.17 28.59
CA PHE A 128 1.06 -4.73 28.41
C PHE A 128 0.95 -4.03 29.76
N ARG A 129 1.72 -4.46 30.76
CA ARG A 129 1.81 -3.75 32.05
C ARG A 129 3.05 -2.84 32.06
N GLY A 130 3.91 -2.97 31.04
CA GLY A 130 5.08 -2.10 30.81
C GLY A 130 6.38 -2.71 31.30
N VAL A 131 7.50 -2.21 30.76
CA VAL A 131 8.85 -2.55 31.28
C VAL A 131 9.21 -1.52 32.36
N SER A 132 10.26 -1.81 33.11
CA SER A 132 10.73 -1.00 34.26
C SER A 132 11.21 0.36 33.75
N LEU A 133 11.20 1.37 34.61
CA LEU A 133 11.73 2.69 34.23
C LEU A 133 13.22 2.54 33.90
N ASN A 134 13.90 1.58 34.55
CA ASN A 134 15.36 1.35 34.33
C ASN A 134 15.59 0.91 32.88
N LEU A 135 14.73 0.04 32.34
CA LEU A 135 14.88 -0.43 30.94
C LEU A 135 14.38 0.68 29.97
N THR A 136 13.33 1.39 30.37
CA THR A 136 12.80 2.53 29.62
C THR A 136 13.97 3.51 29.41
N ARG A 137 14.70 3.86 30.47
CA ARG A 137 15.79 4.86 30.41
C ARG A 137 16.89 4.38 29.45
N LYS A 138 17.18 3.09 29.44
CA LYS A 138 18.20 2.51 28.53
C LYS A 138 17.70 2.60 27.09
N PHE A 139 16.43 2.34 26.82
CA PHE A 139 15.89 2.50 25.45
C PHE A 139 15.90 3.99 25.05
N ALA A 140 15.45 4.88 25.94
CA ALA A 140 15.41 6.34 25.70
C ALA A 140 16.81 6.85 25.34
N GLN A 141 17.84 6.43 26.09
CA GLN A 141 19.22 6.93 25.94
C GLN A 141 19.73 6.51 24.55
N GLN A 142 19.47 5.26 24.15
CA GLN A 142 19.91 4.75 22.83
C GLN A 142 19.12 5.45 21.71
N MET A 143 17.83 5.68 21.91
CA MET A 143 17.00 6.28 20.83
C MET A 143 17.40 7.76 20.66
N CYS A 144 17.77 8.46 21.75
CA CYS A 144 18.19 9.87 21.66
C CYS A 144 19.51 9.94 20.90
N THR A 145 20.39 8.96 21.10
CA THR A 145 21.70 8.84 20.41
C THR A 145 21.48 8.52 18.94
N ALA A 146 20.54 7.64 18.61
CA ALA A 146 20.16 7.33 17.20
C ALA A 146 19.60 8.58 16.51
N LEU A 147 18.74 9.35 17.18
CA LEU A 147 18.18 10.61 16.62
C LEU A 147 19.28 11.67 16.45
N LEU A 148 20.24 11.71 17.36
CA LEU A 148 21.40 12.64 17.27
C LEU A 148 22.20 12.27 16.02
N PHE A 149 22.40 10.98 15.79
CA PHE A 149 23.07 10.46 14.56
C PHE A 149 22.31 10.94 13.33
N LEU A 150 21.01 10.69 13.29
CA LEU A 150 20.19 11.05 12.11
C LEU A 150 20.28 12.56 11.87
N ALA A 151 20.56 13.40 12.87
CA ALA A 151 20.50 14.87 12.76
C ALA A 151 21.87 15.41 12.30
N THR A 152 22.87 14.54 12.17
CA THR A 152 24.16 14.85 11.50
C THR A 152 23.83 15.65 10.23
N PRO A 153 24.30 16.92 10.10
CA PRO A 153 23.86 17.78 9.00
C PRO A 153 23.94 17.12 7.61
N GLU A 154 25.03 16.40 7.35
CA GLU A 154 25.26 15.66 6.09
C GLU A 154 24.25 14.51 5.93
N LEU A 155 23.63 14.01 7.02
CA LEU A 155 22.52 13.01 6.92
C LEU A 155 21.18 13.73 6.91
N SER A 156 20.82 14.40 8.01
CA SER A 156 19.56 15.16 8.18
C SER A 156 18.35 14.29 7.81
N ILE A 157 18.34 13.04 8.27
CA ILE A 157 17.29 12.02 7.92
C ILE A 157 16.14 12.12 8.92
N ILE A 158 14.92 12.22 8.41
CA ILE A 158 13.66 12.10 9.20
C ILE A 158 13.18 10.67 9.01
N HIS A 159 13.15 9.88 10.07
CA HIS A 159 12.73 8.47 9.94
C HIS A 159 11.29 8.42 9.42
N CYS A 160 10.39 9.18 10.06
CA CYS A 160 8.98 9.39 9.65
C CYS A 160 8.05 8.21 9.98
N ASP A 161 8.52 7.15 10.65
CA ASP A 161 7.62 6.02 11.02
C ASP A 161 8.14 5.38 12.30
N LEU A 162 8.63 6.15 13.27
CA LEU A 162 9.05 5.59 14.58
C LEU A 162 7.82 5.05 15.30
N LYS A 163 7.93 3.83 15.80
CA LYS A 163 6.87 3.12 16.56
C LYS A 163 7.53 1.91 17.22
N PRO A 164 6.92 1.34 18.27
CA PRO A 164 7.55 0.24 19.01
C PRO A 164 7.96 -0.91 18.07
N GLU A 165 7.18 -1.14 17.01
CA GLU A 165 7.40 -2.24 16.01
C GLU A 165 8.70 -1.99 15.21
N ASN A 166 9.17 -0.75 15.08
CA ASN A 166 10.35 -0.43 14.23
C ASN A 166 11.58 -0.22 15.08
N ILE A 167 11.54 -0.67 16.35
CA ILE A 167 12.68 -0.65 17.30
C ILE A 167 12.90 -2.08 17.80
N LEU A 168 14.07 -2.66 17.54
CA LEU A 168 14.32 -4.10 17.77
C LEU A 168 15.52 -4.26 18.68
N LEU A 169 15.39 -5.21 19.61
CA LEU A 169 16.52 -5.72 20.43
C LEU A 169 17.53 -6.33 19.46
N CYS A 170 18.81 -6.09 19.69
CA CYS A 170 19.88 -6.83 18.99
C CYS A 170 19.84 -8.30 19.40
N ASN A 171 19.66 -8.59 20.70
CA ASN A 171 19.67 -9.97 21.26
C ASN A 171 18.63 -10.07 22.36
N PRO A 172 17.94 -11.22 22.47
CA PRO A 172 16.76 -11.33 23.32
C PRO A 172 16.99 -11.15 24.83
N LYS A 173 18.21 -11.20 25.33
CA LYS A 173 18.46 -11.04 26.79
C LYS A 173 19.41 -9.85 27.02
N ARG A 174 19.39 -8.84 26.14
CA ARG A 174 20.22 -7.63 26.30
C ARG A 174 19.36 -6.41 25.97
N SER A 175 19.82 -5.23 26.40
CA SER A 175 19.04 -3.98 26.36
C SER A 175 19.31 -3.23 25.03
N ALA A 176 20.34 -3.63 24.29
CA ALA A 176 20.83 -2.94 23.09
C ALA A 176 19.74 -2.98 22.00
N ILE A 177 19.43 -1.83 21.42
CA ILE A 177 18.37 -1.74 20.38
C ILE A 177 18.93 -1.10 19.11
N LYS A 178 18.21 -1.32 18.01
CA LYS A 178 18.44 -0.65 16.71
C LYS A 178 17.10 -0.28 16.09
N ILE A 179 17.11 0.79 15.30
CA ILE A 179 15.95 1.26 14.48
C ILE A 179 15.99 0.54 13.14
N VAL A 180 14.82 0.14 12.63
CA VAL A 180 14.68 -0.41 11.25
C VAL A 180 13.65 0.39 10.44
N ASP A 181 13.62 0.09 9.15
CA ASP A 181 12.57 0.44 8.16
C ASP A 181 12.62 1.95 7.88
N PHE A 182 13.44 2.35 6.90
CA PHE A 182 13.52 3.73 6.35
C PHE A 182 12.74 3.84 5.03
N GLY A 183 11.72 2.98 4.81
CA GLY A 183 10.80 2.99 3.66
C GLY A 183 10.04 4.31 3.50
N SER A 184 9.68 4.98 4.60
CA SER A 184 8.85 6.21 4.58
C SER A 184 9.74 7.44 4.79
N SER A 185 11.05 7.26 4.89
CA SER A 185 11.99 8.30 5.35
C SER A 185 12.24 9.32 4.24
N CYS A 186 12.71 10.50 4.62
CA CYS A 186 13.14 11.57 3.70
C CYS A 186 14.28 12.32 4.39
N GLN A 187 14.80 13.37 3.77
CA GLN A 187 15.84 14.25 4.35
C GLN A 187 15.22 15.63 4.52
N LEU A 188 15.79 16.43 5.44
CA LEU A 188 15.26 17.74 5.88
C LEU A 188 14.84 18.56 4.65
N GLY A 189 13.61 19.08 4.65
CA GLY A 189 13.05 19.95 3.60
C GLY A 189 12.24 19.18 2.56
N GLN A 190 12.29 17.86 2.53
CA GLN A 190 11.55 17.11 1.47
C GLN A 190 10.10 16.90 1.91
N ARG A 191 9.20 16.85 0.94
CA ARG A 191 7.78 16.46 1.12
C ARG A 191 7.45 15.47 0.01
N ILE A 192 7.38 14.18 0.35
CA ILE A 192 7.33 13.04 -0.61
C ILE A 192 5.97 12.36 -0.49
N TYR A 193 5.52 12.04 0.72
CA TYR A 193 4.33 11.19 0.95
C TYR A 193 3.22 12.08 1.51
N GLN A 194 2.00 11.74 1.14
CA GLN A 194 0.80 12.56 1.45
C GLN A 194 0.58 12.53 2.96
N PTR A 195 0.66 11.32 3.52
CA PTR A 195 0.53 11.11 4.94
C PTR A 195 1.80 10.40 5.42
O PTR A 195 2.33 9.51 4.72
CB PTR A 195 -0.74 10.31 5.28
CG PTR A 195 -2.03 10.95 4.86
CD1 PTR A 195 -2.66 10.58 3.68
CD2 PTR A 195 -2.66 11.89 5.66
CE1 PTR A 195 -3.85 11.16 3.27
CE2 PTR A 195 -3.86 12.49 5.29
CZ PTR A 195 -4.43 12.13 4.08
OH PTR A 195 -5.65 12.68 3.67
P PTR A 195 -6.06 14.20 3.72
O1P PTR A 195 -7.19 14.41 2.75
O2P PTR A 195 -4.87 15.04 3.33
O3P PTR A 195 -6.51 14.53 5.11
N ILE A 196 2.27 10.81 6.61
CA ILE A 196 3.47 10.28 7.22
C ILE A 196 3.25 10.09 8.72
N GLN A 197 4.07 9.24 9.32
CA GLN A 197 4.01 8.78 10.72
C GLN A 197 2.82 7.83 10.92
N SER A 198 3.04 6.82 11.73
CA SER A 198 1.97 5.94 12.26
C SER A 198 1.09 6.80 13.19
N ARG A 199 -0.24 6.69 13.06
CA ARG A 199 -1.25 7.61 13.63
C ARG A 199 -1.00 7.85 15.14
N PHE A 200 -0.80 6.83 15.96
CA PHE A 200 -0.55 7.02 17.42
C PHE A 200 0.68 7.90 17.69
N TYR A 201 1.69 7.86 16.81
CA TYR A 201 3.02 8.48 17.02
C TYR A 201 3.16 9.74 16.15
N ARG A 202 2.05 10.25 15.59
CA ARG A 202 2.08 11.33 14.57
C ARG A 202 2.11 12.68 15.30
N SER A 203 3.07 13.53 14.95
CA SER A 203 3.27 14.86 15.56
C SER A 203 2.12 15.82 15.22
N PRO A 204 1.82 16.80 16.11
CA PRO A 204 0.84 17.85 15.86
C PRO A 204 1.14 18.54 14.54
N GLU A 205 2.41 18.81 14.22
CA GLU A 205 2.72 19.59 12.99
C GLU A 205 2.27 18.77 11.77
N VAL A 206 2.39 17.42 11.77
CA VAL A 206 1.93 16.60 10.61
C VAL A 206 0.39 16.59 10.56
N LEU A 207 -0.29 16.43 11.68
CA LEU A 207 -1.78 16.51 11.78
C LEU A 207 -2.29 17.85 11.23
N LEU A 208 -1.54 18.93 11.44
CA LEU A 208 -1.93 20.33 11.13
C LEU A 208 -1.55 20.72 9.70
N GLY A 209 -0.84 19.86 8.98
CA GLY A 209 -0.42 20.12 7.59
C GLY A 209 0.67 21.16 7.50
N MET A 210 1.41 21.36 8.58
CA MET A 210 2.53 22.34 8.66
C MET A 210 3.82 21.66 8.22
N PRO A 211 4.87 22.45 7.87
CA PRO A 211 6.15 21.89 7.46
C PRO A 211 6.72 21.04 8.60
N TYR A 212 7.44 19.97 8.28
CA TYR A 212 7.96 19.02 9.28
C TYR A 212 9.46 18.91 9.08
N ASP A 213 10.14 18.73 10.20
CA ASP A 213 11.60 18.54 10.23
C ASP A 213 11.90 17.38 11.21
N LEU A 214 13.14 17.26 11.64
CA LEU A 214 13.58 16.08 12.42
C LEU A 214 12.86 16.06 13.79
N ALA A 215 12.24 17.17 14.21
CA ALA A 215 11.53 17.23 15.51
C ALA A 215 10.36 16.24 15.55
N ILE A 216 9.78 15.84 14.41
CA ILE A 216 8.60 14.92 14.39
C ILE A 216 9.00 13.56 14.97
N ASP A 217 10.25 13.13 14.82
CA ASP A 217 10.77 11.82 15.31
C ASP A 217 10.92 11.91 16.83
N MET A 218 11.25 13.09 17.34
CA MET A 218 11.35 13.31 18.81
C MET A 218 9.95 13.22 19.45
N TRP A 219 8.93 13.81 18.83
CA TRP A 219 7.50 13.62 19.18
C TRP A 219 7.21 12.13 19.24
N SER A 220 7.50 11.38 18.18
CA SER A 220 7.20 9.92 18.21
C SER A 220 7.89 9.30 19.43
N LEU A 221 9.15 9.66 19.69
CA LEU A 221 9.94 9.00 20.79
C LEU A 221 9.26 9.25 22.14
N GLY A 222 8.86 10.48 22.41
CA GLY A 222 8.10 10.81 23.63
C GLY A 222 6.93 9.84 23.81
N CYS A 223 6.13 9.63 22.77
CA CYS A 223 4.92 8.78 22.86
C CYS A 223 5.34 7.35 23.15
N ILE A 224 6.36 6.89 22.44
CA ILE A 224 6.89 5.51 22.54
C ILE A 224 7.36 5.25 23.98
N LEU A 225 8.07 6.19 24.58
CA LEU A 225 8.71 5.96 25.88
C LEU A 225 7.61 5.82 26.95
N VAL A 226 6.54 6.60 26.84
CA VAL A 226 5.43 6.53 27.83
C VAL A 226 4.77 5.14 27.71
N GLU A 227 4.46 4.70 26.49
CA GLU A 227 3.83 3.37 26.22
C GLU A 227 4.72 2.25 26.76
N MET A 228 6.02 2.38 26.62
CA MET A 228 6.94 1.28 27.00
C MET A 228 6.84 1.09 28.54
N HIS A 229 6.61 2.16 29.30
CA HIS A 229 6.57 2.05 30.77
C HIS A 229 5.15 1.78 31.28
N THR A 230 4.10 2.33 30.63
CA THR A 230 2.70 2.14 31.07
C THR A 230 2.09 0.86 30.47
N GLY A 231 2.65 0.40 29.36
CA GLY A 231 2.16 -0.74 28.58
C GLY A 231 1.14 -0.39 27.49
N GLU A 232 0.65 0.85 27.45
CA GLU A 232 -0.43 1.25 26.52
C GLU A 232 -0.08 2.55 25.78
N PRO A 233 -0.57 2.70 24.53
CA PRO A 233 -0.38 3.93 23.77
C PRO A 233 -0.88 5.14 24.57
N LEU A 234 -0.07 6.21 24.60
CA LEU A 234 -0.42 7.49 25.24
C LEU A 234 -1.61 8.11 24.50
N PHE A 235 -1.59 8.08 23.17
CA PHE A 235 -2.55 8.77 22.30
C PHE A 235 -3.07 7.78 21.25
N SER A 236 -4.06 6.97 21.59
CA SER A 236 -4.51 5.86 20.70
C SER A 236 -5.67 6.32 19.81
N GLY A 237 -5.45 7.26 18.88
CA GLY A 237 -6.52 7.81 18.03
C GLY A 237 -6.96 6.80 16.98
N ALA A 238 -8.24 6.77 16.64
CA ALA A 238 -8.81 5.84 15.63
C ALA A 238 -8.89 6.56 14.29
N ASN A 239 -8.67 7.87 14.32
CA ASN A 239 -8.63 8.72 13.11
C ASN A 239 -7.92 10.01 13.51
N GLU A 240 -7.60 10.87 12.56
CA GLU A 240 -6.83 12.12 12.84
C GLU A 240 -7.56 13.00 13.87
N VAL A 241 -8.87 13.17 13.77
CA VAL A 241 -9.65 14.05 14.69
C VAL A 241 -9.57 13.46 16.11
N ASP A 242 -9.71 12.15 16.22
CA ASP A 242 -9.61 11.44 17.52
C ASP A 242 -8.17 11.60 18.03
N GLN A 243 -7.16 11.42 17.17
CA GLN A 243 -5.73 11.59 17.52
C GLN A 243 -5.52 12.97 18.13
N MET A 244 -5.89 14.02 17.42
CA MET A 244 -5.65 15.40 17.91
C MET A 244 -6.43 15.61 19.21
N ASN A 245 -7.63 15.03 19.33
CA ASN A 245 -8.43 15.22 20.58
C ASN A 245 -7.72 14.54 21.75
N LYS A 246 -7.13 13.36 21.55
CA LYS A 246 -6.46 12.60 22.62
C LYS A 246 -5.20 13.36 23.03
N ILE A 247 -4.54 14.00 22.07
CA ILE A 247 -3.36 14.85 22.37
C ILE A 247 -3.80 16.02 23.24
N VAL A 248 -4.87 16.70 22.85
CA VAL A 248 -5.37 17.90 23.57
C VAL A 248 -5.77 17.55 25.01
N GLU A 249 -6.33 16.37 25.24
CA GLU A 249 -6.74 15.94 26.60
C GLU A 249 -5.52 16.08 27.55
N VAL A 250 -4.35 15.65 27.08
CA VAL A 250 -3.10 15.66 27.88
C VAL A 250 -2.45 17.05 27.84
N LEU A 251 -2.33 17.71 26.67
CA LEU A 251 -1.36 18.83 26.50
C LEU A 251 -2.07 20.19 26.35
N GLY A 252 -3.39 20.22 26.26
CA GLY A 252 -4.17 21.47 26.16
C GLY A 252 -4.28 21.92 24.72
N ILE A 253 -4.87 23.07 24.47
CA ILE A 253 -5.06 23.62 23.10
C ILE A 253 -3.67 24.07 22.62
N PRO A 254 -3.25 23.76 21.38
CA PRO A 254 -1.96 24.21 20.87
C PRO A 254 -1.85 25.73 20.92
N PRO A 255 -0.64 26.29 20.96
CA PRO A 255 -0.45 27.73 20.95
C PRO A 255 -1.09 28.39 19.70
N ALA A 256 -1.70 29.55 19.92
CA ALA A 256 -2.30 30.39 18.86
C ALA A 256 -1.30 30.63 17.71
N HIS A 257 -0.02 30.91 17.99
CA HIS A 257 0.96 31.22 16.91
C HIS A 257 1.14 30.02 15.98
N ILE A 258 0.87 28.79 16.44
CA ILE A 258 0.95 27.58 15.59
C ILE A 258 -0.35 27.51 14.80
N LEU A 259 -1.47 27.42 15.49
CA LEU A 259 -2.81 27.29 14.88
C LEU A 259 -3.08 28.42 13.87
N ASP A 260 -2.62 29.65 14.11
CA ASP A 260 -2.74 30.78 13.15
C ASP A 260 -1.98 30.49 11.84
N GLN A 261 -0.97 29.62 11.83
CA GLN A 261 -0.17 29.30 10.61
C GLN A 261 -0.55 27.94 10.02
N ALA A 262 -1.42 27.15 10.65
CA ALA A 262 -1.66 25.73 10.28
C ALA A 262 -2.69 25.62 9.17
N PRO A 263 -2.35 25.03 8.00
CA PRO A 263 -3.32 24.81 6.93
C PRO A 263 -4.56 24.00 7.34
N LYS A 264 -4.43 23.04 8.26
CA LYS A 264 -5.54 22.14 8.66
C LYS A 264 -6.03 22.43 10.08
N ALA A 265 -5.75 23.61 10.62
CA ALA A 265 -6.21 24.03 11.96
C ALA A 265 -7.73 23.78 12.06
N ARG A 266 -8.50 24.14 11.02
CA ARG A 266 -9.99 24.11 11.08
C ARG A 266 -10.51 22.67 10.91
N LYS A 267 -9.66 21.70 10.64
CA LYS A 267 -10.05 20.27 10.75
C LYS A 267 -10.31 19.87 12.22
N PHE A 268 -9.73 20.56 13.21
CA PHE A 268 -9.82 20.18 14.65
C PHE A 268 -10.27 21.34 15.54
N PHE A 269 -10.04 22.60 15.14
CA PHE A 269 -10.25 23.79 16.00
C PHE A 269 -11.11 24.87 15.31
N GLU A 270 -11.64 25.78 16.13
CA GLU A 270 -12.38 27.02 15.75
C GLU A 270 -11.73 28.20 16.47
N LYS A 271 -11.48 29.29 15.74
CA LYS A 271 -10.93 30.57 16.27
C LYS A 271 -12.13 31.40 16.69
N LEU A 272 -12.12 31.91 17.92
CA LEU A 272 -13.25 32.64 18.54
C LEU A 272 -13.10 34.14 18.28
N PRO A 273 -14.18 34.94 18.45
CA PRO A 273 -14.15 36.38 18.23
C PRO A 273 -12.95 37.08 18.89
N ASP A 274 -12.63 36.65 20.12
CA ASP A 274 -11.52 37.14 20.99
C ASP A 274 -10.16 36.90 20.31
N GLY A 275 -10.05 35.87 19.46
CA GLY A 275 -8.78 35.43 18.83
C GLY A 275 -8.20 34.20 19.52
N THR A 276 -8.99 33.60 20.44
CA THR A 276 -8.64 32.37 21.20
C THR A 276 -9.14 31.15 20.41
N TRP A 277 -8.34 30.10 20.39
CA TRP A 277 -8.73 28.84 19.72
C TRP A 277 -9.34 27.91 20.75
N ASN A 278 -10.37 27.16 20.37
CA ASN A 278 -10.66 25.92 21.13
C ASN A 278 -11.13 24.86 20.15
N LEU A 279 -11.48 23.70 20.69
CA LEU A 279 -11.72 22.50 19.89
C LEU A 279 -13.04 22.67 19.15
N LYS A 280 -13.11 22.10 17.97
CA LYS A 280 -14.36 21.85 17.26
C LYS A 280 -15.04 20.67 17.95
N LYS A 281 -16.37 20.64 18.01
CA LYS A 281 -17.13 19.41 18.39
C LYS A 281 -17.09 18.47 17.18
N THR A 282 -17.22 17.16 17.37
CA THR A 282 -16.96 16.21 16.26
C THR A 282 -18.25 15.97 15.42
N LYS A 283 -19.46 16.01 16.03
CA LYS A 283 -20.74 15.47 15.48
C LYS A 283 -20.85 13.95 15.76
N GLU A 288 -17.42 13.94 24.74
CA GLU A 288 -16.89 12.57 24.98
C GLU A 288 -15.34 12.61 25.16
N TYR A 289 -14.75 13.80 25.32
CA TYR A 289 -13.31 14.00 25.65
C TYR A 289 -13.20 14.75 26.97
N LYS A 290 -12.18 14.42 27.75
CA LYS A 290 -11.88 15.18 28.98
C LYS A 290 -11.48 16.57 28.55
N PRO A 291 -11.78 17.60 29.37
CA PRO A 291 -11.45 18.98 29.07
C PRO A 291 -9.97 19.12 28.70
N PRO A 292 -9.58 20.06 27.81
CA PRO A 292 -8.19 20.19 27.38
C PRO A 292 -7.19 20.28 28.55
N GLY A 293 -6.08 19.55 28.49
CA GLY A 293 -5.00 19.63 29.48
C GLY A 293 -5.33 19.01 30.83
N THR A 294 -6.47 18.34 31.01
CA THR A 294 -6.85 17.80 32.35
C THR A 294 -6.49 16.31 32.48
N ARG A 295 -6.09 15.62 31.41
CA ARG A 295 -5.56 14.23 31.52
C ARG A 295 -4.06 14.32 31.72
N LYS A 296 -3.63 14.64 32.95
CA LYS A 296 -2.24 15.03 33.25
C LYS A 296 -1.31 13.82 33.06
N LEU A 297 -0.16 14.01 32.40
CA LEU A 297 0.91 12.99 32.28
C LEU A 297 1.39 12.60 33.67
N HIS A 298 1.39 13.57 34.59
CA HIS A 298 1.71 13.33 36.02
C HIS A 298 0.85 12.17 36.57
N ASN A 299 -0.42 12.09 36.24
CA ASN A 299 -1.31 10.97 36.70
C ASN A 299 -1.20 9.76 35.76
N ILE A 300 -0.91 9.94 34.47
CA ILE A 300 -0.78 8.76 33.55
C ILE A 300 0.43 7.93 33.99
N LEU A 301 1.54 8.59 34.37
CA LEU A 301 2.79 7.91 34.80
C LEU A 301 2.71 7.51 36.28
N GLY A 302 1.76 8.05 37.04
CA GLY A 302 1.60 7.72 38.47
C GLY A 302 2.80 8.17 39.28
N VAL A 303 3.28 9.37 39.02
CA VAL A 303 4.51 9.93 39.62
C VAL A 303 4.49 9.75 41.15
N GLU A 304 3.37 10.08 41.79
CA GLU A 304 3.25 10.17 43.28
C GLU A 304 2.44 8.98 43.79
N THR A 305 1.88 8.14 42.90
CA THR A 305 0.90 7.09 43.24
C THR A 305 1.40 5.70 42.82
N GLY A 306 2.70 5.48 42.81
CA GLY A 306 3.34 4.15 42.60
C GLY A 306 3.47 3.77 41.14
N GLY A 307 3.62 4.72 40.22
CA GLY A 307 3.81 4.40 38.79
C GLY A 307 2.51 3.91 38.14
N PRO A 308 2.53 3.46 36.86
CA PRO A 308 1.31 3.06 36.16
C PRO A 308 0.43 2.04 36.90
N GLY A 309 -0.84 2.40 37.13
CA GLY A 309 -1.81 1.60 37.90
C GLY A 309 -1.34 1.26 39.30
N GLY A 310 -0.34 1.97 39.86
CA GLY A 310 0.24 1.74 41.19
C GLY A 310 1.15 0.51 41.28
N ARG A 311 1.38 -0.14 40.15
CA ARG A 311 2.10 -1.44 40.10
C ARG A 311 3.56 -1.33 40.52
N ARG A 312 4.19 -0.16 40.49
CA ARG A 312 5.64 -0.04 40.82
C ARG A 312 5.86 0.44 42.27
N ALA A 313 4.80 0.50 43.07
CA ALA A 313 4.87 1.00 44.47
C ALA A 313 5.88 0.17 45.26
N GLY A 314 6.82 0.88 45.89
CA GLY A 314 7.92 0.29 46.67
C GLY A 314 9.12 -0.03 45.79
N GLU A 315 8.92 -0.91 44.77
CA GLU A 315 9.97 -1.42 43.84
C GLU A 315 11.11 -0.41 43.77
N SER A 316 12.37 -0.87 43.82
CA SER A 316 13.53 0.02 43.61
C SER A 316 13.52 0.54 42.17
N GLY A 317 14.16 1.68 41.95
CA GLY A 317 14.34 2.32 40.64
C GLY A 317 13.06 2.95 40.11
N HIS A 318 12.12 3.25 41.00
CA HIS A 318 10.79 3.78 40.66
C HIS A 318 10.41 4.85 41.69
N THR A 319 11.32 5.75 42.03
CA THR A 319 11.05 6.75 43.10
C THR A 319 10.27 7.94 42.53
N VAL A 320 9.72 8.80 43.38
CA VAL A 320 9.03 10.03 42.93
C VAL A 320 10.02 10.87 42.11
N ALA A 321 11.23 11.09 42.63
CA ALA A 321 12.31 11.87 41.95
C ALA A 321 12.59 11.29 40.55
N ASP A 322 12.71 9.97 40.42
CA ASP A 322 12.98 9.30 39.11
C ASP A 322 11.84 9.65 38.14
N TYR A 323 10.59 9.49 38.61
CA TYR A 323 9.37 9.73 37.82
C TYR A 323 9.27 11.19 37.39
N LEU A 324 9.57 12.14 38.28
CA LEU A 324 9.53 13.58 37.91
C LEU A 324 10.53 13.85 36.78
N LYS A 325 11.70 13.24 36.79
CA LYS A 325 12.73 13.49 35.74
C LYS A 325 12.22 12.90 34.42
N PHE A 326 11.63 11.72 34.48
CA PHE A 326 11.02 11.02 33.32
C PHE A 326 9.91 11.89 32.74
N LYS A 327 8.92 12.27 33.57
CA LYS A 327 7.79 13.12 33.16
C LYS A 327 8.33 14.38 32.47
N ASP A 328 9.28 15.05 33.10
CA ASP A 328 9.82 16.36 32.63
C ASP A 328 10.51 16.16 31.29
N LEU A 329 11.30 15.10 31.09
CA LEU A 329 11.90 14.84 29.77
C LEU A 329 10.81 14.55 28.72
N ILE A 330 9.82 13.74 29.05
CA ILE A 330 8.72 13.41 28.09
C ILE A 330 8.00 14.69 27.65
N LEU A 331 7.67 15.58 28.58
CA LEU A 331 6.96 16.84 28.26
C LEU A 331 7.85 17.75 27.40
N ARG A 332 9.16 17.67 27.51
CA ARG A 332 10.04 18.45 26.62
C ARG A 332 10.01 17.78 25.23
N MET A 333 9.86 16.47 25.16
CA MET A 333 9.80 15.81 23.83
C MET A 333 8.40 16.04 23.20
N LEU A 334 7.39 16.36 24.00
CA LEU A 334 6.01 16.53 23.52
C LEU A 334 5.62 18.01 23.49
N ASP A 335 6.59 18.90 23.38
CA ASP A 335 6.35 20.33 23.14
C ASP A 335 5.58 20.48 21.81
N TYR A 336 4.50 21.25 21.81
CA TYR A 336 3.69 21.54 20.58
C TYR A 336 4.54 22.29 19.53
N ASP A 337 5.49 23.12 19.97
CA ASP A 337 6.32 23.99 19.11
C ASP A 337 7.57 23.22 18.67
N PRO A 338 7.71 22.86 17.39
CA PRO A 338 8.86 22.08 16.95
C PRO A 338 10.17 22.87 16.99
N LYS A 339 10.10 24.21 17.05
CA LYS A 339 11.30 25.06 17.22
C LYS A 339 11.85 24.91 18.65
N THR A 340 11.01 24.64 19.63
CA THR A 340 11.46 24.61 21.06
C THR A 340 11.45 23.19 21.62
N ARG A 341 10.79 22.24 20.95
CA ARG A 341 10.82 20.80 21.33
C ARG A 341 12.27 20.42 21.60
N ILE A 342 12.55 19.67 22.67
CA ILE A 342 13.95 19.24 23.00
C ILE A 342 14.59 18.50 21.80
N GLN A 343 15.85 18.84 21.49
CA GLN A 343 16.69 18.23 20.42
C GLN A 343 17.58 17.13 21.00
N PRO A 344 18.02 16.14 20.18
CA PRO A 344 18.72 14.97 20.69
C PRO A 344 19.91 15.30 21.60
N TYR A 345 20.77 16.25 21.23
CA TYR A 345 21.95 16.63 22.05
C TYR A 345 21.49 17.04 23.46
N TYR A 346 20.50 17.94 23.60
CA TYR A 346 20.02 18.43 24.92
C TYR A 346 19.24 17.31 25.67
N ALA A 347 18.48 16.46 24.97
CA ALA A 347 17.79 15.31 25.59
C ALA A 347 18.82 14.45 26.34
N LEU A 348 19.95 14.14 25.70
CA LEU A 348 21.04 13.32 26.29
C LEU A 348 21.63 13.98 27.56
N GLN A 349 21.51 15.30 27.72
CA GLN A 349 22.10 16.02 28.88
C GLN A 349 21.10 16.05 30.04
N HIS A 350 19.88 15.53 29.85
CA HIS A 350 18.78 15.60 30.85
C HIS A 350 19.15 14.81 32.12
N SER A 351 18.76 15.34 33.29
CA SER A 351 18.94 14.67 34.62
C SER A 351 18.38 13.24 34.61
N PHE A 352 17.44 12.90 33.74
CA PHE A 352 16.87 11.54 33.66
C PHE A 352 18.00 10.54 33.39
N PHE A 353 19.03 10.97 32.66
CA PHE A 353 20.14 10.08 32.22
C PHE A 353 21.35 10.12 33.17
N LYS A 354 21.41 10.95 34.22
CA LYS A 354 22.59 11.09 35.13
C LYS A 354 22.82 9.76 35.89
N LYS A 355 24.07 9.26 35.91
CA LYS A 355 24.54 8.10 36.74
C LYS A 355 25.04 8.61 38.10
N PRO B 16 -6.25 -1.51 19.51
CA PRO B 16 -6.29 -2.03 18.12
C PRO B 16 -5.08 -1.60 17.27
N ARG B 17 -4.29 -2.58 16.79
CA ARG B 17 -2.89 -2.42 16.31
C ARG B 17 -2.82 -2.58 14.78
N GLY B 18 -2.12 -1.68 14.10
CA GLY B 18 -1.97 -1.70 12.64
C GLY B 18 -3.22 -1.12 11.96
N SEP B 19 -3.40 -1.44 10.69
CA SEP B 19 -4.43 -0.83 9.89
CB SEP B 19 -3.78 -0.26 8.64
OG SEP B 19 -3.12 -1.34 7.92
C SEP B 19 -5.51 -1.85 9.55
O SEP B 19 -6.50 -1.50 8.93
P SEP B 19 -1.48 -1.45 7.94
O1P SEP B 19 -1.14 -2.65 7.05
O2P SEP B 19 -1.06 -1.67 9.40
O3P SEP B 19 -0.99 -0.11 7.39
N HIS B 20 -5.30 -3.12 9.94
CA HIS B 20 -6.14 -4.22 9.51
C HIS B 20 -7.21 -4.50 10.56
N MET B 21 -8.40 -4.94 10.16
CA MET B 21 -9.41 -5.31 11.15
C MET B 21 -9.08 -6.72 11.62
N ILE B 22 -9.21 -6.97 12.93
CA ILE B 22 -9.14 -8.35 13.52
C ILE B 22 -10.43 -9.04 13.10
N VAL B 23 -10.33 -9.95 12.13
CA VAL B 23 -11.45 -10.83 11.70
C VAL B 23 -11.42 -12.06 12.61
N LYS B 24 -12.50 -12.30 13.35
CA LYS B 24 -12.73 -13.56 14.11
C LYS B 24 -13.87 -14.30 13.40
N ASN B 25 -13.59 -15.47 12.79
CA ASN B 25 -14.63 -16.35 12.19
C ASN B 25 -15.65 -16.69 13.28
N GLY B 26 -16.94 -16.70 12.94
CA GLY B 26 -18.04 -17.03 13.87
C GLY B 26 -18.75 -15.81 14.43
N GLU B 27 -18.05 -14.68 14.59
CA GLU B 27 -18.58 -13.49 15.31
C GLU B 27 -19.70 -12.84 14.48
N LYS B 28 -20.59 -12.10 15.15
CA LYS B 28 -21.74 -11.42 14.50
C LYS B 28 -21.52 -9.91 14.58
N TRP B 29 -21.82 -9.18 13.50
CA TRP B 29 -21.63 -7.71 13.44
C TRP B 29 -23.00 -7.05 13.49
N MET B 30 -23.18 -6.08 14.39
CA MET B 30 -24.39 -5.23 14.44
C MET B 30 -25.62 -6.12 14.42
N ASP B 31 -25.55 -7.27 15.08
CA ASP B 31 -26.69 -8.22 15.17
C ASP B 31 -27.17 -8.61 13.76
N ARG B 32 -26.30 -8.75 12.77
CA ARG B 32 -26.77 -8.93 11.37
C ARG B 32 -25.82 -9.80 10.56
N TYR B 33 -24.51 -9.51 10.58
CA TYR B 33 -23.53 -10.16 9.68
C TYR B 33 -22.71 -11.22 10.45
N GLU B 34 -22.87 -12.49 10.07
CA GLU B 34 -22.16 -13.63 10.71
C GLU B 34 -20.92 -13.93 9.89
N ILE B 35 -19.75 -13.65 10.45
CA ILE B 35 -18.48 -13.77 9.70
C ILE B 35 -18.16 -15.27 9.55
N ASP B 36 -18.25 -15.78 8.34
CA ASP B 36 -17.88 -17.17 8.01
C ASP B 36 -16.35 -17.29 7.92
N SER B 37 -15.71 -16.47 7.08
CA SER B 37 -14.29 -16.69 6.71
C SER B 37 -13.67 -15.46 6.05
N LEU B 38 -12.34 -15.39 6.09
CA LEU B 38 -11.53 -14.48 5.24
C LEU B 38 -11.45 -15.10 3.84
N ILE B 39 -12.10 -14.49 2.85
CA ILE B 39 -11.97 -14.91 1.43
C ILE B 39 -10.61 -14.41 0.91
N GLY B 40 -10.23 -13.16 1.19
CA GLY B 40 -9.08 -12.57 0.50
C GLY B 40 -8.56 -11.30 1.15
N LYS B 41 -7.40 -10.87 0.66
CA LYS B 41 -6.65 -9.69 1.13
C LYS B 41 -6.17 -8.94 -0.11
N GLY B 42 -5.72 -7.71 0.08
CA GLY B 42 -5.30 -6.82 -1.01
C GLY B 42 -4.69 -5.58 -0.39
N SER B 43 -4.22 -4.63 -1.20
CA SER B 43 -3.59 -3.40 -0.68
C SER B 43 -4.65 -2.56 0.05
N PHE B 44 -5.92 -2.66 -0.33
CA PHE B 44 -7.07 -1.89 0.23
C PHE B 44 -7.48 -2.40 1.61
N GLY B 45 -7.16 -3.66 1.95
CA GLY B 45 -7.60 -4.33 3.18
C GLY B 45 -8.04 -5.76 2.94
N GLN B 46 -9.28 -6.10 3.28
CA GLN B 46 -9.71 -7.52 3.44
C GLN B 46 -11.06 -7.76 2.76
N VAL B 47 -11.33 -9.02 2.40
CA VAL B 47 -12.69 -9.40 1.93
C VAL B 47 -13.11 -10.62 2.76
N VAL B 48 -14.27 -10.54 3.39
CA VAL B 48 -14.77 -11.68 4.21
C VAL B 48 -16.09 -12.13 3.59
N LYS B 49 -16.37 -13.41 3.77
CA LYS B 49 -17.68 -14.03 3.50
C LYS B 49 -18.50 -13.95 4.78
N ALA B 50 -19.72 -13.45 4.67
CA ALA B 50 -20.60 -13.23 5.83
C ALA B 50 -22.01 -13.62 5.42
N TYR B 51 -22.78 -14.15 6.36
CA TYR B 51 -24.21 -14.41 6.13
C TYR B 51 -24.98 -13.21 6.68
N ASP B 52 -25.74 -12.57 5.80
CA ASP B 52 -26.65 -11.48 6.21
C ASP B 52 -27.89 -12.17 6.77
N ARG B 53 -28.09 -12.08 8.08
CA ARG B 53 -29.26 -12.71 8.77
C ARG B 53 -30.54 -12.03 8.31
N VAL B 54 -30.51 -10.71 8.07
CA VAL B 54 -31.72 -9.89 7.81
C VAL B 54 -32.24 -10.20 6.41
N GLU B 55 -31.36 -10.17 5.40
CA GLU B 55 -31.74 -10.40 3.97
C GLU B 55 -31.78 -11.91 3.67
N GLN B 56 -31.26 -12.74 4.57
CA GLN B 56 -31.17 -14.21 4.43
C GLN B 56 -30.39 -14.50 3.14
N GLU B 57 -29.12 -14.09 3.10
CA GLU B 57 -28.27 -14.27 1.90
C GLU B 57 -26.79 -14.10 2.28
N TRP B 58 -25.92 -14.72 1.47
CA TRP B 58 -24.46 -14.67 1.61
C TRP B 58 -23.98 -13.35 1.01
N VAL B 59 -23.05 -12.66 1.67
CA VAL B 59 -22.48 -11.39 1.10
C VAL B 59 -20.98 -11.48 1.15
N ALA B 60 -20.29 -10.75 0.27
CA ALA B 60 -18.84 -10.45 0.39
C ALA B 60 -18.74 -9.04 1.00
N ILE B 61 -17.99 -8.91 2.09
CA ILE B 61 -17.79 -7.57 2.73
C ILE B 61 -16.34 -7.17 2.48
N LYS B 62 -16.13 -6.12 1.69
CA LYS B 62 -14.79 -5.52 1.49
C LYS B 62 -14.49 -4.64 2.70
N ILE B 63 -13.45 -4.95 3.46
CA ILE B 63 -13.08 -4.15 4.66
C ILE B 63 -11.91 -3.25 4.27
N ILE B 64 -12.10 -1.95 4.33
CA ILE B 64 -11.00 -1.00 4.00
C ILE B 64 -10.12 -0.85 5.23
N LYS B 65 -8.81 -0.86 5.04
CA LYS B 65 -7.75 -0.45 6.01
C LYS B 65 -8.12 0.87 6.71
N ASN B 66 -7.90 0.96 8.02
CA ASN B 66 -8.07 2.21 8.79
C ASN B 66 -6.83 3.08 8.58
N LYS B 67 -6.66 3.57 7.36
CA LYS B 67 -5.54 4.43 6.94
C LYS B 67 -6.14 5.48 6.03
N LYS B 68 -5.89 6.76 6.30
CA LYS B 68 -6.64 7.85 5.64
C LYS B 68 -6.58 7.70 4.11
N ALA B 69 -5.42 7.40 3.52
CA ALA B 69 -5.26 7.31 2.05
C ALA B 69 -6.21 6.25 1.49
N PHE B 70 -6.33 5.10 2.13
CA PHE B 70 -7.23 4.00 1.69
C PHE B 70 -8.68 4.40 1.90
N LEU B 71 -9.00 5.06 3.01
CA LEU B 71 -10.38 5.53 3.28
C LEU B 71 -10.84 6.52 2.18
N ASN B 72 -10.02 7.53 1.84
CA ASN B 72 -10.39 8.53 0.79
C ASN B 72 -10.69 7.80 -0.53
N GLN B 73 -9.88 6.83 -0.94
CA GLN B 73 -10.02 6.18 -2.27
C GLN B 73 -11.28 5.30 -2.23
N ALA B 74 -11.51 4.64 -1.10
CA ALA B 74 -12.71 3.79 -0.91
C ALA B 74 -13.96 4.66 -1.00
N GLN B 75 -13.89 5.93 -0.60
CA GLN B 75 -15.08 6.81 -0.63
C GLN B 75 -15.38 7.18 -2.08
N ILE B 76 -14.36 7.26 -2.93
CA ILE B 76 -14.56 7.46 -4.40
C ILE B 76 -15.18 6.17 -4.96
N GLU B 77 -14.64 5.01 -4.65
CA GLU B 77 -15.23 3.71 -5.08
C GLU B 77 -16.72 3.68 -4.71
N VAL B 78 -17.07 4.02 -3.45
CA VAL B 78 -18.51 4.02 -3.01
C VAL B 78 -19.33 4.96 -3.91
N ARG B 79 -18.83 6.19 -4.14
CA ARG B 79 -19.57 7.20 -4.94
C ARG B 79 -19.79 6.64 -6.36
N LEU B 80 -18.75 6.08 -6.98
CA LEU B 80 -18.84 5.55 -8.37
C LEU B 80 -19.77 4.34 -8.39
N LEU B 81 -19.67 3.44 -7.42
CA LEU B 81 -20.54 2.25 -7.36
C LEU B 81 -22.01 2.67 -7.24
N GLU B 82 -22.34 3.63 -6.37
CA GLU B 82 -23.74 4.08 -6.13
C GLU B 82 -24.24 4.85 -7.37
N LEU B 83 -23.36 5.52 -8.09
CA LEU B 83 -23.71 6.21 -9.35
C LEU B 83 -24.05 5.15 -10.41
N MET B 84 -23.28 4.09 -10.51
CA MET B 84 -23.47 3.02 -11.53
C MET B 84 -24.74 2.21 -11.23
N ASN B 85 -24.99 1.91 -9.95
CA ASN B 85 -26.12 1.06 -9.50
C ASN B 85 -27.41 1.88 -9.68
N LYS B 86 -27.32 3.21 -9.68
CA LYS B 86 -28.44 4.16 -9.94
C LYS B 86 -28.96 4.03 -11.38
N HIS B 87 -28.09 3.84 -12.38
CA HIS B 87 -28.46 3.94 -13.81
C HIS B 87 -29.25 2.70 -14.22
N ASP B 88 -30.48 2.95 -14.71
CA ASP B 88 -31.50 1.99 -15.22
C ASP B 88 -31.14 1.51 -16.64
N THR B 89 -30.58 0.30 -16.73
CA THR B 89 -30.26 -0.52 -17.95
C THR B 89 -30.03 -1.96 -17.53
N GLU B 90 -30.07 -2.92 -18.46
CA GLU B 90 -29.58 -4.32 -18.25
C GLU B 90 -28.03 -4.33 -18.22
N MET B 91 -27.43 -3.26 -18.80
CA MET B 91 -25.98 -2.97 -18.89
C MET B 91 -25.33 -2.85 -17.51
N LYS B 92 -26.01 -2.20 -16.54
CA LYS B 92 -25.56 -2.03 -15.12
C LYS B 92 -25.42 -3.39 -14.40
N TYR B 93 -25.84 -4.51 -15.00
CA TYR B 93 -25.72 -5.86 -14.36
C TYR B 93 -24.44 -6.57 -14.80
N TYR B 94 -23.51 -5.93 -15.55
CA TYR B 94 -22.13 -6.46 -15.71
C TYR B 94 -21.20 -5.85 -14.64
N ILE B 95 -21.72 -4.95 -13.80
CA ILE B 95 -20.95 -4.30 -12.71
C ILE B 95 -21.43 -4.91 -11.41
N VAL B 96 -20.53 -5.33 -10.53
CA VAL B 96 -20.88 -5.83 -9.17
C VAL B 96 -21.81 -4.82 -8.47
N HIS B 97 -22.80 -5.35 -7.75
CA HIS B 97 -23.82 -4.57 -7.03
C HIS B 97 -23.34 -4.29 -5.60
N LEU B 98 -23.15 -3.03 -5.26
CA LEU B 98 -22.91 -2.60 -3.87
C LEU B 98 -24.27 -2.55 -3.17
N LYS B 99 -24.49 -3.41 -2.17
CA LYS B 99 -25.80 -3.48 -1.48
C LYS B 99 -25.88 -2.30 -0.52
N ARG B 100 -24.86 -2.13 0.34
CA ARG B 100 -24.70 -0.93 1.22
C ARG B 100 -23.27 -0.85 1.77
N HIS B 101 -23.01 0.16 2.59
CA HIS B 101 -21.69 0.37 3.21
C HIS B 101 -21.92 0.94 4.61
N PHE B 102 -20.98 0.76 5.52
CA PHE B 102 -21.13 1.25 6.90
C PHE B 102 -19.74 1.29 7.52
N MET B 103 -19.61 2.07 8.58
CA MET B 103 -18.42 2.11 9.45
C MET B 103 -18.63 1.06 10.55
N PHE B 104 -17.58 0.31 10.89
CA PHE B 104 -17.54 -0.70 11.95
C PHE B 104 -16.09 -0.86 12.44
N ARG B 105 -15.88 -0.66 13.74
CA ARG B 105 -14.54 -0.72 14.38
C ARG B 105 -13.58 0.18 13.60
N ASN B 106 -14.07 1.35 13.14
CA ASN B 106 -13.28 2.42 12.49
C ASN B 106 -12.80 2.00 11.09
N HIS B 107 -13.52 1.10 10.45
CA HIS B 107 -13.26 0.64 9.07
C HIS B 107 -14.51 0.93 8.24
N LEU B 108 -14.32 1.52 7.08
CA LEU B 108 -15.38 1.51 6.05
C LEU B 108 -15.57 0.06 5.57
N CYS B 109 -16.79 -0.42 5.57
CA CYS B 109 -17.16 -1.77 5.08
C CYS B 109 -18.14 -1.65 3.91
N LEU B 110 -17.82 -2.28 2.78
CA LEU B 110 -18.67 -2.27 1.57
C LEU B 110 -19.27 -3.65 1.40
N VAL B 111 -20.59 -3.76 1.36
CA VAL B 111 -21.30 -5.06 1.27
C VAL B 111 -21.69 -5.29 -0.19
N PHE B 112 -21.18 -6.37 -0.76
CA PHE B 112 -21.43 -6.76 -2.16
C PHE B 112 -22.22 -8.08 -2.20
N GLU B 113 -22.99 -8.27 -3.26
CA GLU B 113 -23.47 -9.62 -3.68
C GLU B 113 -22.27 -10.55 -3.72
N MET B 114 -22.49 -11.81 -3.39
CA MET B 114 -21.45 -12.84 -3.43
C MET B 114 -21.36 -13.35 -4.88
N LEU B 115 -20.16 -13.38 -5.46
CA LEU B 115 -19.94 -13.91 -6.84
C LEU B 115 -19.13 -15.21 -6.71
N SER B 116 -18.53 -15.68 -7.82
CA SER B 116 -17.85 -16.99 -7.91
C SER B 116 -16.40 -16.74 -8.33
N TYR B 117 -15.74 -17.67 -9.03
CA TYR B 117 -14.29 -17.57 -9.32
C TYR B 117 -14.02 -16.43 -10.31
N ASN B 118 -12.78 -15.97 -10.32
CA ASN B 118 -12.34 -14.94 -11.29
C ASN B 118 -11.79 -15.64 -12.53
N LEU B 119 -11.64 -14.89 -13.62
CA LEU B 119 -11.23 -15.44 -14.93
C LEU B 119 -9.81 -16.05 -14.86
N TYR B 120 -8.98 -15.63 -13.91
CA TYR B 120 -7.64 -16.23 -13.69
C TYR B 120 -7.79 -17.62 -13.07
N ASP B 121 -8.63 -17.73 -12.03
CA ASP B 121 -9.00 -19.06 -11.46
C ASP B 121 -9.43 -19.97 -12.61
N LEU B 122 -10.25 -19.45 -13.53
CA LEU B 122 -10.78 -20.25 -14.65
C LEU B 122 -9.60 -20.74 -15.50
N LEU B 123 -8.64 -19.87 -15.79
CA LEU B 123 -7.43 -20.25 -16.57
C LEU B 123 -6.61 -21.28 -15.79
N ARG B 124 -6.47 -21.13 -14.47
CA ARG B 124 -5.72 -22.12 -13.64
C ARG B 124 -6.42 -23.48 -13.72
N ASN B 125 -7.75 -23.53 -13.81
CA ASN B 125 -8.53 -24.78 -13.92
C ASN B 125 -8.28 -25.46 -15.28
N THR B 126 -7.67 -24.80 -16.25
CA THR B 126 -7.38 -25.40 -17.58
C THR B 126 -5.91 -25.84 -17.66
N ASN B 127 -5.18 -25.85 -16.53
CA ASN B 127 -3.69 -25.89 -16.46
C ASN B 127 -3.09 -24.86 -17.44
N PHE B 128 -3.79 -23.73 -17.66
CA PHE B 128 -3.38 -22.56 -18.48
C PHE B 128 -3.26 -22.93 -19.97
N ARG B 129 -4.07 -23.87 -20.47
CA ARG B 129 -4.11 -24.10 -21.93
C ARG B 129 -5.13 -23.15 -22.56
N GLY B 130 -5.86 -22.38 -21.76
CA GLY B 130 -6.78 -21.32 -22.21
C GLY B 130 -8.17 -21.83 -22.47
N VAL B 131 -9.17 -20.95 -22.52
CA VAL B 131 -10.58 -21.36 -22.79
C VAL B 131 -10.86 -21.22 -24.29
N SER B 132 -11.95 -21.82 -24.75
CA SER B 132 -12.26 -21.88 -26.19
C SER B 132 -12.48 -20.46 -26.74
N LEU B 133 -12.35 -20.32 -28.04
CA LEU B 133 -12.71 -19.09 -28.79
C LEU B 133 -14.19 -18.75 -28.53
N ASN B 134 -15.05 -19.76 -28.35
CA ASN B 134 -16.50 -19.55 -28.11
C ASN B 134 -16.68 -18.88 -26.75
N LEU B 135 -16.01 -19.36 -25.71
CA LEU B 135 -16.17 -18.80 -24.33
C LEU B 135 -15.48 -17.44 -24.27
N THR B 136 -14.32 -17.29 -24.93
CA THR B 136 -13.59 -16.00 -25.08
C THR B 136 -14.57 -14.96 -25.67
N ARG B 137 -15.35 -15.34 -26.68
CA ARG B 137 -16.27 -14.38 -27.34
C ARG B 137 -17.32 -13.93 -26.34
N LYS B 138 -17.90 -14.85 -25.56
CA LYS B 138 -18.98 -14.56 -24.58
C LYS B 138 -18.44 -13.58 -23.55
N PHE B 139 -17.22 -13.80 -23.10
CA PHE B 139 -16.55 -12.89 -22.14
C PHE B 139 -16.33 -11.54 -22.82
N ALA B 140 -15.91 -11.52 -24.10
CA ALA B 140 -15.61 -10.29 -24.88
C ALA B 140 -16.87 -9.44 -25.05
N GLN B 141 -18.00 -10.07 -25.37
CA GLN B 141 -19.28 -9.38 -25.64
C GLN B 141 -19.76 -8.76 -24.33
N GLN B 142 -19.66 -9.49 -23.23
CA GLN B 142 -20.09 -8.99 -21.91
C GLN B 142 -19.18 -7.83 -21.47
N MET B 143 -17.86 -7.99 -21.60
CA MET B 143 -16.89 -6.93 -21.23
C MET B 143 -17.08 -5.70 -22.11
N CYS B 144 -17.35 -5.86 -23.41
CA CYS B 144 -17.59 -4.71 -24.33
C CYS B 144 -18.85 -3.97 -23.90
N THR B 145 -19.89 -4.70 -23.49
CA THR B 145 -21.18 -4.12 -23.07
C THR B 145 -20.98 -3.35 -21.75
N ALA B 146 -20.15 -3.86 -20.83
CA ALA B 146 -19.84 -3.21 -19.53
C ALA B 146 -19.06 -1.91 -19.79
N LEU B 147 -18.07 -1.95 -20.70
CA LEU B 147 -17.31 -0.73 -21.08
C LEU B 147 -18.25 0.26 -21.77
N LEU B 148 -19.22 -0.19 -22.56
CA LEU B 148 -20.19 0.74 -23.20
C LEU B 148 -20.98 1.42 -22.07
N PHE B 149 -21.44 0.64 -21.10
CA PHE B 149 -22.12 1.18 -19.91
C PHE B 149 -21.23 2.22 -19.22
N LEU B 150 -19.96 1.90 -18.95
CA LEU B 150 -19.07 2.85 -18.23
C LEU B 150 -18.92 4.13 -19.08
N ALA B 151 -19.01 4.02 -20.40
CA ALA B 151 -18.80 5.15 -21.34
C ALA B 151 -20.01 6.10 -21.36
N THR B 152 -21.18 5.70 -20.86
CA THR B 152 -22.37 6.58 -20.63
C THR B 152 -21.91 7.96 -20.16
N PRO B 153 -22.34 9.08 -20.79
CA PRO B 153 -21.81 10.39 -20.45
C PRO B 153 -21.96 10.74 -18.96
N GLU B 154 -23.10 10.46 -18.30
CA GLU B 154 -23.33 10.76 -16.86
C GLU B 154 -22.35 9.96 -15.96
N LEU B 155 -21.86 8.82 -16.44
CA LEU B 155 -20.87 8.02 -15.66
C LEU B 155 -19.45 8.45 -16.08
N SER B 156 -19.06 8.20 -17.34
CA SER B 156 -17.68 8.38 -17.87
C SER B 156 -16.65 7.82 -16.88
N ILE B 157 -16.81 6.57 -16.48
CA ILE B 157 -15.95 5.91 -15.48
C ILE B 157 -14.85 5.13 -16.20
N ILE B 158 -13.61 5.36 -15.78
CA ILE B 158 -12.41 4.58 -16.16
C ILE B 158 -12.16 3.61 -15.02
N HIS B 159 -12.22 2.30 -15.28
CA HIS B 159 -11.97 1.27 -14.24
C HIS B 159 -10.54 1.38 -13.72
N CYS B 160 -9.58 1.38 -14.66
CA CYS B 160 -8.14 1.58 -14.47
C CYS B 160 -7.45 0.35 -13.88
N ASP B 161 -8.13 -0.77 -13.66
CA ASP B 161 -7.41 -1.95 -13.15
C ASP B 161 -8.03 -3.22 -13.72
N LEU B 162 -8.44 -3.22 -14.98
CA LEU B 162 -9.02 -4.47 -15.51
C LEU B 162 -7.88 -5.50 -15.62
N LYS B 163 -8.21 -6.70 -15.16
CA LYS B 163 -7.32 -7.88 -15.27
C LYS B 163 -8.17 -9.12 -15.02
N PRO B 164 -7.70 -10.33 -15.39
CA PRO B 164 -8.51 -11.52 -15.18
C PRO B 164 -9.06 -11.61 -13.75
N GLU B 165 -8.27 -11.25 -12.74
CA GLU B 165 -8.64 -11.40 -11.30
C GLU B 165 -9.82 -10.50 -10.94
N ASN B 166 -10.09 -9.44 -11.72
CA ASN B 166 -11.14 -8.45 -11.42
C ASN B 166 -12.38 -8.74 -12.24
N ILE B 167 -12.40 -9.85 -12.97
CA ILE B 167 -13.61 -10.29 -13.71
C ILE B 167 -14.04 -11.62 -13.10
N LEU B 168 -15.25 -11.67 -12.54
CA LEU B 168 -15.72 -12.84 -11.76
C LEU B 168 -16.94 -13.44 -12.46
N LEU B 169 -17.03 -14.77 -12.50
CA LEU B 169 -18.28 -15.51 -12.86
C LEU B 169 -19.36 -15.15 -11.82
N CYS B 170 -20.61 -15.00 -12.25
CA CYS B 170 -21.73 -14.88 -11.28
C CYS B 170 -21.90 -16.23 -10.58
N ASN B 171 -21.66 -17.32 -11.30
CA ASN B 171 -22.08 -18.68 -10.88
C ASN B 171 -21.09 -19.69 -11.46
N PRO B 172 -20.57 -20.64 -10.66
CA PRO B 172 -19.45 -21.47 -11.09
C PRO B 172 -19.73 -22.19 -12.42
N LYS B 173 -21.00 -22.46 -12.73
CA LYS B 173 -21.40 -23.38 -13.83
C LYS B 173 -21.69 -22.60 -15.12
N ARG B 174 -21.73 -21.28 -15.08
CA ARG B 174 -22.23 -20.45 -16.21
C ARG B 174 -21.19 -19.38 -16.59
N SER B 175 -21.40 -18.71 -17.71
CA SER B 175 -20.42 -17.80 -18.36
C SER B 175 -20.71 -16.33 -18.05
N ALA B 176 -21.83 -16.02 -17.39
CA ALA B 176 -22.18 -14.63 -17.02
C ALA B 176 -21.09 -14.09 -16.09
N ILE B 177 -20.69 -12.85 -16.29
CA ILE B 177 -19.59 -12.24 -15.51
C ILE B 177 -20.02 -10.88 -15.00
N LYS B 178 -19.33 -10.43 -13.96
CA LYS B 178 -19.36 -9.02 -13.48
C LYS B 178 -17.94 -8.54 -13.25
N ILE B 179 -17.72 -7.24 -13.43
CA ILE B 179 -16.47 -6.54 -13.08
C ILE B 179 -16.53 -6.14 -11.61
N VAL B 180 -15.44 -6.37 -10.89
CA VAL B 180 -15.27 -5.89 -9.49
C VAL B 180 -14.09 -4.91 -9.39
N ASP B 181 -13.99 -4.26 -8.22
CA ASP B 181 -12.88 -3.44 -7.69
C ASP B 181 -12.77 -2.13 -8.48
N PHE B 182 -13.48 -1.12 -7.99
CA PHE B 182 -13.46 0.23 -8.56
C PHE B 182 -12.60 1.11 -7.66
N GLY B 183 -11.65 0.46 -6.98
CA GLY B 183 -10.72 1.07 -6.01
C GLY B 183 -9.67 1.96 -6.67
N SER B 184 -9.35 1.80 -7.96
CA SER B 184 -8.46 2.70 -8.73
C SER B 184 -9.25 3.57 -9.70
N SER B 185 -10.55 3.42 -9.77
CA SER B 185 -11.34 4.06 -10.84
C SER B 185 -11.48 5.55 -10.60
N CYS B 186 -11.55 6.30 -11.68
CA CYS B 186 -11.85 7.74 -11.68
C CYS B 186 -12.87 8.02 -12.80
N GLN B 187 -13.51 9.18 -12.72
CA GLN B 187 -14.33 9.74 -13.80
C GLN B 187 -13.43 10.53 -14.75
N LEU B 188 -13.76 10.54 -16.03
CA LEU B 188 -13.02 11.31 -17.05
C LEU B 188 -12.88 12.73 -16.52
N GLY B 189 -11.68 13.30 -16.59
CA GLY B 189 -11.41 14.65 -16.09
C GLY B 189 -11.03 14.67 -14.63
N GLN B 190 -11.01 13.54 -13.92
CA GLN B 190 -10.65 13.52 -12.47
C GLN B 190 -9.46 12.56 -12.19
N ARG B 191 -8.51 12.45 -13.12
CA ARG B 191 -7.22 11.70 -12.95
C ARG B 191 -6.43 12.26 -11.75
N ILE B 192 -6.04 11.40 -10.82
CA ILE B 192 -5.28 11.78 -9.60
C ILE B 192 -4.00 10.95 -9.48
N TYR B 193 -3.86 9.84 -10.20
CA TYR B 193 -2.75 8.86 -10.10
C TYR B 193 -2.06 8.76 -11.45
N GLN B 194 -0.79 9.17 -11.52
CA GLN B 194 0.04 9.06 -12.74
C GLN B 194 0.35 7.59 -12.98
N PTR B 195 0.35 6.78 -11.92
CA PTR B 195 0.73 5.37 -12.01
C PTR B 195 -0.49 4.52 -11.72
O PTR B 195 -0.95 4.56 -10.60
CB PTR B 195 1.86 5.05 -11.04
CG PTR B 195 3.06 5.98 -11.11
CD1 PTR B 195 3.83 6.05 -12.27
CD2 PTR B 195 3.40 6.81 -10.04
CE1 PTR B 195 4.93 6.90 -12.36
CE2 PTR B 195 4.50 7.65 -10.10
CZ PTR B 195 5.26 7.70 -11.25
OH PTR B 195 6.35 8.58 -11.25
P PTR B 195 7.61 8.57 -12.27
O1P PTR B 195 7.87 7.22 -12.87
O2P PTR B 195 8.78 9.01 -11.44
O3P PTR B 195 7.33 9.58 -13.37
N ILE B 196 -1.02 3.81 -12.73
CA ILE B 196 -2.23 3.00 -12.58
C ILE B 196 -2.15 1.78 -13.51
N GLN B 197 -3.10 0.85 -13.30
CA GLN B 197 -3.32 -0.39 -14.10
C GLN B 197 -2.27 -1.39 -13.67
N SER B 198 -2.62 -2.66 -13.54
CA SER B 198 -1.55 -3.66 -13.25
C SER B 198 -0.75 -3.86 -14.55
N ARG B 199 0.55 -4.05 -14.40
CA ARG B 199 1.59 -3.85 -15.43
C ARG B 199 1.30 -4.63 -16.72
N PHE B 200 0.93 -5.92 -16.66
CA PHE B 200 0.66 -6.72 -17.89
C PHE B 200 -0.46 -6.10 -18.71
N TYR B 201 -1.39 -5.38 -18.06
CA TYR B 201 -2.61 -4.81 -18.69
C TYR B 201 -2.49 -3.29 -18.85
N ARG B 202 -1.29 -2.75 -18.60
CA ARG B 202 -1.07 -1.29 -18.59
C ARG B 202 -0.95 -0.77 -20.03
N SER B 203 -1.74 0.23 -20.36
CA SER B 203 -1.77 0.87 -21.69
C SER B 203 -0.48 1.66 -21.95
N PRO B 204 -0.10 1.88 -23.23
CA PRO B 204 1.12 2.62 -23.54
C PRO B 204 1.00 4.07 -23.08
N GLU B 205 -0.20 4.68 -23.15
CA GLU B 205 -0.35 6.09 -22.71
C GLU B 205 0.01 6.18 -21.23
N VAL B 206 -0.31 5.18 -20.41
CA VAL B 206 0.01 5.24 -18.94
C VAL B 206 1.51 4.97 -18.76
N LEU B 207 2.08 3.96 -19.45
CA LEU B 207 3.55 3.69 -19.39
C LEU B 207 4.30 4.98 -19.74
N LEU B 208 3.78 5.74 -20.69
CA LEU B 208 4.43 6.97 -21.18
C LEU B 208 4.14 8.18 -20.27
N GLY B 209 3.36 8.00 -19.19
CA GLY B 209 3.05 9.08 -18.25
C GLY B 209 2.16 10.15 -18.86
N MET B 210 1.40 9.80 -19.90
CA MET B 210 0.42 10.71 -20.54
C MET B 210 -0.94 10.73 -19.81
N PRO B 211 -1.75 11.80 -19.98
CA PRO B 211 -3.13 11.82 -19.47
C PRO B 211 -3.93 10.67 -20.12
N TYR B 212 -4.95 10.14 -19.47
CA TYR B 212 -5.62 8.93 -20.00
C TYR B 212 -7.13 9.11 -19.93
N ASP B 213 -7.82 8.33 -20.74
CA ASP B 213 -9.29 8.40 -20.84
C ASP B 213 -9.80 6.97 -20.79
N LEU B 214 -11.07 6.75 -21.13
CA LEU B 214 -11.70 5.42 -21.01
C LEU B 214 -11.01 4.40 -21.95
N ALA B 215 -10.22 4.87 -22.92
CA ALA B 215 -9.55 3.99 -23.90
C ALA B 215 -8.54 3.04 -23.21
N ILE B 216 -8.03 3.39 -22.02
CA ILE B 216 -7.03 2.50 -21.34
C ILE B 216 -7.74 1.20 -20.95
N ASP B 217 -9.03 1.23 -20.69
CA ASP B 217 -9.76 -0.01 -20.30
C ASP B 217 -9.83 -0.96 -21.51
N MET B 218 -10.04 -0.40 -22.69
CA MET B 218 -10.14 -1.19 -23.95
C MET B 218 -8.78 -1.85 -24.23
N TRP B 219 -7.68 -1.15 -23.99
CA TRP B 219 -6.34 -1.75 -24.08
C TRP B 219 -6.28 -3.00 -23.17
N SER B 220 -6.67 -2.84 -21.91
CA SER B 220 -6.67 -3.93 -20.91
C SER B 220 -7.50 -5.11 -21.43
N LEU B 221 -8.69 -4.85 -21.97
CA LEU B 221 -9.60 -5.92 -22.43
C LEU B 221 -8.92 -6.68 -23.58
N GLY B 222 -8.25 -6.00 -24.51
CA GLY B 222 -7.50 -6.67 -25.60
C GLY B 222 -6.48 -7.66 -25.07
N CYS B 223 -5.67 -7.24 -24.09
CA CYS B 223 -4.65 -8.08 -23.40
C CYS B 223 -5.33 -9.29 -22.72
N ILE B 224 -6.44 -9.05 -22.02
CA ILE B 224 -7.16 -10.07 -21.20
C ILE B 224 -7.71 -11.16 -22.13
N LEU B 225 -8.32 -10.76 -23.24
CA LEU B 225 -8.96 -11.68 -24.20
C LEU B 225 -7.90 -12.58 -24.85
N VAL B 226 -6.72 -12.04 -25.19
CA VAL B 226 -5.65 -12.90 -25.77
C VAL B 226 -5.26 -13.93 -24.72
N GLU B 227 -5.06 -13.49 -23.47
CA GLU B 227 -4.62 -14.37 -22.35
C GLU B 227 -5.67 -15.45 -22.06
N MET B 228 -6.95 -15.12 -22.13
CA MET B 228 -8.06 -16.08 -21.84
C MET B 228 -7.96 -17.25 -22.84
N HIS B 229 -7.67 -16.97 -24.12
CA HIS B 229 -7.59 -18.02 -25.16
C HIS B 229 -6.26 -18.78 -25.12
N THR B 230 -5.14 -18.12 -24.81
CA THR B 230 -3.79 -18.73 -24.91
C THR B 230 -3.40 -19.31 -23.56
N GLY B 231 -4.01 -18.83 -22.48
CA GLY B 231 -3.65 -19.24 -21.11
C GLY B 231 -2.45 -18.48 -20.53
N GLU B 232 -1.84 -17.55 -21.27
CA GLU B 232 -0.66 -16.80 -20.75
C GLU B 232 -0.74 -15.31 -21.12
N PRO B 233 -0.17 -14.41 -20.28
CA PRO B 233 -0.22 -12.97 -20.53
C PRO B 233 0.38 -12.65 -21.92
N LEU B 234 -0.29 -11.79 -22.68
CA LEU B 234 0.25 -11.31 -23.98
C LEU B 234 1.56 -10.56 -23.74
N PHE B 235 1.60 -9.72 -22.71
CA PHE B 235 2.74 -8.81 -22.43
C PHE B 235 3.17 -8.96 -20.97
N SER B 236 4.06 -9.90 -20.68
CA SER B 236 4.43 -10.27 -19.30
C SER B 236 5.71 -9.53 -18.84
N GLY B 237 5.65 -8.20 -18.71
CA GLY B 237 6.79 -7.36 -18.29
C GLY B 237 7.13 -7.59 -16.83
N ALA B 238 8.42 -7.68 -16.52
CA ALA B 238 8.97 -7.80 -15.16
C ALA B 238 9.01 -6.41 -14.54
N ASN B 239 8.95 -5.36 -15.37
CA ASN B 239 9.04 -3.94 -14.97
C ASN B 239 8.54 -3.09 -16.13
N GLU B 240 8.41 -1.78 -15.93
CA GLU B 240 7.84 -0.87 -16.96
C GLU B 240 8.67 -0.94 -18.25
N VAL B 241 10.00 -0.95 -18.16
CA VAL B 241 10.86 -0.94 -19.37
C VAL B 241 10.69 -2.27 -20.09
N ASP B 242 10.63 -3.38 -19.34
CA ASP B 242 10.40 -4.70 -19.97
C ASP B 242 8.99 -4.72 -20.56
N GLN B 243 8.04 -4.07 -19.89
CA GLN B 243 6.62 -4.07 -20.34
C GLN B 243 6.60 -3.41 -21.72
N MET B 244 7.13 -2.19 -21.82
CA MET B 244 7.04 -1.43 -23.09
C MET B 244 7.80 -2.17 -24.19
N ASN B 245 8.91 -2.83 -23.87
CA ASN B 245 9.72 -3.58 -24.87
C ASN B 245 8.91 -4.77 -25.38
N LYS B 246 8.16 -5.46 -24.51
CA LYS B 246 7.33 -6.63 -24.96
C LYS B 246 6.17 -6.12 -25.83
N ILE B 247 5.65 -4.92 -25.58
CA ILE B 247 4.57 -4.34 -26.43
C ILE B 247 5.14 -4.02 -27.80
N VAL B 248 6.31 -3.38 -27.85
CA VAL B 248 7.00 -3.01 -29.13
C VAL B 248 7.31 -4.27 -29.96
N GLU B 249 7.73 -5.35 -29.32
CA GLU B 249 7.94 -6.67 -29.96
C GLU B 249 6.77 -6.97 -30.90
N VAL B 250 5.54 -6.81 -30.41
CA VAL B 250 4.32 -7.20 -31.15
C VAL B 250 3.85 -6.06 -32.04
N LEU B 251 3.91 -4.81 -31.58
CA LEU B 251 3.20 -3.68 -32.24
C LEU B 251 4.18 -2.72 -32.93
N GLY B 252 5.49 -2.85 -32.77
CA GLY B 252 6.43 -1.90 -33.38
C GLY B 252 6.52 -0.60 -32.57
N ILE B 253 7.30 0.37 -33.06
CA ILE B 253 7.59 1.63 -32.36
C ILE B 253 6.28 2.42 -32.37
N PRO B 254 5.83 3.01 -31.24
CA PRO B 254 4.64 3.86 -31.22
C PRO B 254 4.77 5.01 -32.19
N PRO B 255 3.66 5.62 -32.65
CA PRO B 255 3.73 6.75 -33.58
C PRO B 255 4.48 7.95 -33.00
N ALA B 256 5.30 8.58 -33.83
CA ALA B 256 6.06 9.81 -33.58
C ALA B 256 5.16 10.84 -32.89
N HIS B 257 3.94 11.03 -33.39
CA HIS B 257 3.06 12.13 -32.90
C HIS B 257 2.72 11.89 -31.42
N ILE B 258 2.68 10.63 -30.95
CA ILE B 258 2.44 10.28 -29.53
C ILE B 258 3.74 10.48 -28.74
N LEU B 259 4.85 9.90 -29.19
CA LEU B 259 6.12 9.97 -28.45
C LEU B 259 6.56 11.44 -28.30
N ASP B 260 6.22 12.30 -29.27
CA ASP B 260 6.61 13.75 -29.28
C ASP B 260 5.94 14.46 -28.10
N GLN B 261 4.87 13.89 -27.55
CA GLN B 261 4.02 14.50 -26.51
C GLN B 261 4.22 13.80 -25.17
N ALA B 262 4.88 12.65 -25.13
CA ALA B 262 4.90 11.75 -23.96
C ALA B 262 6.00 12.17 -23.01
N PRO B 263 5.67 12.49 -21.72
CA PRO B 263 6.70 12.85 -20.75
C PRO B 263 7.77 11.78 -20.49
N LYS B 264 7.45 10.50 -20.67
CA LYS B 264 8.38 9.40 -20.33
C LYS B 264 8.84 8.67 -21.60
N ALA B 265 8.72 9.30 -22.77
CA ALA B 265 9.27 8.78 -24.04
C ALA B 265 10.72 8.29 -23.85
N ARG B 266 11.56 9.09 -23.18
CA ARG B 266 13.03 8.87 -23.09
C ARG B 266 13.36 7.82 -22.06
N LYS B 267 12.37 7.34 -21.30
CA LYS B 267 12.55 6.13 -20.47
C LYS B 267 12.77 4.91 -21.38
N PHE B 268 12.23 4.89 -22.61
CA PHE B 268 12.19 3.66 -23.45
C PHE B 268 12.83 3.88 -24.81
N PHE B 269 12.72 5.09 -25.34
CA PHE B 269 13.04 5.46 -26.74
C PHE B 269 14.04 6.64 -26.79
N GLU B 270 14.55 6.89 -28.00
CA GLU B 270 15.51 7.98 -28.32
C GLU B 270 15.12 8.65 -29.65
N LYS B 271 15.19 9.97 -29.72
CA LYS B 271 15.01 10.73 -30.99
C LYS B 271 16.33 10.67 -31.73
N LEU B 272 16.28 10.26 -33.00
CA LEU B 272 17.46 10.25 -33.90
C LEU B 272 17.59 11.63 -34.54
N PRO B 273 18.80 11.98 -35.05
CA PRO B 273 19.03 13.27 -35.70
C PRO B 273 18.00 13.47 -36.82
N ASP B 274 17.76 12.39 -37.57
CA ASP B 274 16.84 12.34 -38.74
C ASP B 274 15.40 12.68 -38.29
N GLY B 275 15.08 12.55 -37.00
CA GLY B 275 13.78 12.97 -36.44
C GLY B 275 12.81 11.81 -36.23
N THR B 276 13.25 10.55 -36.36
CA THR B 276 12.43 9.36 -36.01
C THR B 276 12.76 8.93 -34.58
N TRP B 277 11.99 7.98 -34.03
CA TRP B 277 12.27 7.39 -32.69
C TRP B 277 12.75 5.95 -32.85
N ASN B 278 13.64 5.49 -31.99
CA ASN B 278 14.02 4.07 -31.88
C ASN B 278 14.03 3.71 -30.40
N LEU B 279 14.14 2.43 -30.09
CA LEU B 279 14.40 1.93 -28.73
C LEU B 279 15.77 2.43 -28.27
N LYS B 280 15.91 2.75 -26.99
CA LYS B 280 17.19 3.08 -26.32
C LYS B 280 18.25 1.99 -26.62
N GLU B 288 18.15 -9.89 -26.51
CA GLU B 288 17.23 -9.54 -25.38
C GLU B 288 15.79 -9.46 -25.93
N TYR B 289 15.53 -8.71 -27.01
CA TYR B 289 14.16 -8.59 -27.57
C TYR B 289 14.15 -8.89 -29.06
N LYS B 290 13.03 -9.42 -29.55
CA LYS B 290 12.74 -9.54 -31.00
C LYS B 290 12.62 -8.15 -31.60
N PRO B 291 13.05 -7.93 -32.86
CA PRO B 291 13.00 -6.62 -33.49
C PRO B 291 11.58 -6.08 -33.46
N PRO B 292 11.36 -4.74 -33.40
CA PRO B 292 10.01 -4.16 -33.32
C PRO B 292 8.96 -4.64 -34.34
N GLY B 293 7.79 -5.04 -33.85
CA GLY B 293 6.67 -5.51 -34.69
C GLY B 293 6.90 -6.90 -35.28
N THR B 294 7.95 -7.66 -34.90
CA THR B 294 8.24 -8.98 -35.54
C THR B 294 7.64 -10.15 -34.74
N ARG B 295 7.10 -9.93 -33.53
CA ARG B 295 6.38 -10.99 -32.78
C ARG B 295 4.90 -10.87 -33.13
N LYS B 296 4.50 -11.50 -34.23
CA LYS B 296 3.18 -11.29 -34.83
C LYS B 296 2.15 -12.02 -33.98
N LEU B 297 1.04 -11.33 -33.69
CA LEU B 297 -0.14 -11.89 -33.01
C LEU B 297 -0.65 -13.10 -33.80
N HIS B 298 -0.51 -13.04 -35.12
CA HIS B 298 -0.80 -14.15 -36.06
C HIS B 298 -0.19 -15.45 -35.54
N ASN B 299 1.07 -15.42 -35.10
CA ASN B 299 1.78 -16.63 -34.62
C ASN B 299 1.48 -16.84 -33.14
N ILE B 300 1.26 -15.78 -32.35
CA ILE B 300 0.97 -15.95 -30.90
C ILE B 300 -0.30 -16.78 -30.76
N LEU B 301 -1.32 -16.47 -31.56
CA LEU B 301 -2.64 -17.14 -31.53
C LEU B 301 -2.58 -18.49 -32.27
N GLY B 302 -1.47 -18.77 -32.98
CA GLY B 302 -1.34 -19.97 -33.82
C GLY B 302 -2.49 -20.06 -34.82
N VAL B 303 -2.75 -18.97 -35.54
CA VAL B 303 -3.94 -18.80 -36.41
C VAL B 303 -4.01 -19.93 -37.43
N GLU B 304 -2.86 -20.41 -37.91
CA GLU B 304 -2.80 -21.43 -39.00
C GLU B 304 -2.21 -22.72 -38.49
N THR B 305 -1.76 -22.79 -37.23
CA THR B 305 -1.01 -23.97 -36.70
C THR B 305 -1.74 -24.60 -35.51
N GLY B 306 -3.09 -24.58 -35.55
CA GLY B 306 -3.98 -25.21 -34.55
C GLY B 306 -4.12 -24.43 -33.25
N GLY B 307 -3.95 -23.11 -33.27
CA GLY B 307 -4.21 -22.23 -32.11
C GLY B 307 -3.12 -22.35 -31.05
N PRO B 308 -3.32 -21.79 -29.83
CA PRO B 308 -2.26 -21.77 -28.82
C PRO B 308 -1.76 -23.20 -28.52
N GLY B 309 -0.48 -23.44 -28.79
CA GLY B 309 0.19 -24.74 -28.57
C GLY B 309 -0.35 -25.82 -29.50
N GLY B 310 -1.04 -25.42 -30.59
CA GLY B 310 -1.65 -26.32 -31.59
C GLY B 310 -2.85 -27.10 -31.06
N ARG B 311 -3.37 -26.73 -29.87
CA ARG B 311 -4.36 -27.56 -29.11
C ARG B 311 -5.75 -27.49 -29.73
N ARG B 312 -6.05 -26.51 -30.59
CA ARG B 312 -7.42 -26.31 -31.11
C ARG B 312 -7.54 -26.84 -32.56
N ALA B 313 -6.50 -27.55 -33.07
CA ALA B 313 -6.45 -28.09 -34.46
C ALA B 313 -7.71 -28.93 -34.66
N GLY B 314 -8.54 -28.53 -35.64
CA GLY B 314 -9.71 -29.27 -36.11
C GLY B 314 -10.98 -28.92 -35.37
N GLU B 315 -10.87 -28.47 -34.11
CA GLU B 315 -12.03 -28.20 -33.20
C GLU B 315 -13.04 -27.27 -33.88
N SER B 316 -14.32 -27.58 -33.75
CA SER B 316 -15.45 -26.71 -34.14
C SER B 316 -15.18 -25.27 -33.67
N GLY B 317 -15.46 -24.27 -34.50
CA GLY B 317 -15.42 -22.84 -34.11
C GLY B 317 -14.02 -22.26 -33.98
N HIS B 318 -12.97 -23.04 -34.27
CA HIS B 318 -11.55 -22.61 -34.23
C HIS B 318 -10.96 -22.61 -35.66
N THR B 319 -11.69 -22.09 -36.63
CA THR B 319 -11.21 -22.05 -38.04
C THR B 319 -10.26 -20.85 -38.20
N VAL B 320 -9.55 -20.85 -39.34
CA VAL B 320 -8.65 -19.74 -39.74
C VAL B 320 -9.52 -18.49 -39.87
N ALA B 321 -10.66 -18.59 -40.53
CA ALA B 321 -11.62 -17.46 -40.64
C ALA B 321 -11.95 -16.91 -39.24
N ASP B 322 -12.21 -17.81 -38.28
CA ASP B 322 -12.66 -17.43 -36.92
C ASP B 322 -11.52 -16.65 -36.24
N TYR B 323 -10.30 -17.20 -36.27
CA TYR B 323 -9.07 -16.57 -35.72
C TYR B 323 -8.78 -15.21 -36.37
N LEU B 324 -9.06 -15.01 -37.66
CA LEU B 324 -8.72 -13.74 -38.36
C LEU B 324 -9.66 -12.64 -37.86
N LYS B 325 -10.91 -13.01 -37.60
CA LYS B 325 -11.89 -12.05 -37.01
C LYS B 325 -11.45 -11.69 -35.59
N PHE B 326 -11.02 -12.66 -34.79
CA PHE B 326 -10.55 -12.42 -33.40
C PHE B 326 -9.32 -11.49 -33.42
N LYS B 327 -8.32 -11.84 -34.23
CA LYS B 327 -7.03 -11.12 -34.37
C LYS B 327 -7.30 -9.68 -34.80
N ASP B 328 -8.23 -9.48 -35.73
CA ASP B 328 -8.60 -8.11 -36.17
C ASP B 328 -9.14 -7.31 -34.98
N LEU B 329 -10.06 -7.88 -34.20
CA LEU B 329 -10.69 -7.12 -33.09
C LEU B 329 -9.61 -6.73 -32.08
N ILE B 330 -8.74 -7.69 -31.74
CA ILE B 330 -7.67 -7.49 -30.74
C ILE B 330 -6.74 -6.35 -31.23
N LEU B 331 -6.42 -6.33 -32.52
CA LEU B 331 -5.48 -5.32 -33.06
C LEU B 331 -6.16 -3.95 -33.05
N ARG B 332 -7.48 -3.88 -33.15
CA ARG B 332 -8.21 -2.59 -32.99
C ARG B 332 -8.22 -2.15 -31.50
N MET B 333 -8.18 -3.11 -30.57
CA MET B 333 -8.18 -2.81 -29.12
C MET B 333 -6.77 -2.41 -28.67
N LEU B 334 -5.75 -2.82 -29.41
CA LEU B 334 -4.32 -2.57 -29.08
C LEU B 334 -3.76 -1.48 -30.00
N ASP B 335 -4.62 -0.67 -30.58
CA ASP B 335 -4.18 0.56 -31.27
C ASP B 335 -3.40 1.43 -30.26
N TYR B 336 -2.17 1.85 -30.61
CA TYR B 336 -1.29 2.72 -29.79
C TYR B 336 -2.00 4.05 -29.47
N ASP B 337 -2.81 4.52 -30.40
CA ASP B 337 -3.44 5.87 -30.41
C ASP B 337 -4.78 5.77 -29.71
N PRO B 338 -4.95 6.38 -28.52
CA PRO B 338 -6.18 6.23 -27.76
C PRO B 338 -7.34 6.91 -28.51
N LYS B 339 -7.04 7.80 -29.44
CA LYS B 339 -8.05 8.54 -30.24
C LYS B 339 -8.67 7.65 -31.32
N THR B 340 -7.96 6.67 -31.85
CA THR B 340 -8.53 5.79 -32.91
C THR B 340 -8.71 4.37 -32.37
N ARG B 341 -8.27 4.08 -31.14
CA ARG B 341 -8.51 2.74 -30.56
C ARG B 341 -10.03 2.50 -30.64
N ILE B 342 -10.45 1.28 -30.99
CA ILE B 342 -11.90 0.96 -31.13
C ILE B 342 -12.59 1.24 -29.79
N GLN B 343 -13.77 1.82 -29.84
CA GLN B 343 -14.60 2.15 -28.65
C GLN B 343 -15.67 1.07 -28.50
N PRO B 344 -16.28 0.95 -27.30
CA PRO B 344 -17.16 -0.18 -26.98
C PRO B 344 -18.28 -0.44 -28.00
N TYR B 345 -18.98 0.61 -28.42
CA TYR B 345 -20.12 0.50 -29.36
C TYR B 345 -19.67 -0.20 -30.65
N TYR B 346 -18.58 0.26 -31.24
CA TYR B 346 -18.09 -0.21 -32.56
C TYR B 346 -17.48 -1.60 -32.38
N ALA B 347 -16.94 -1.90 -31.20
CA ALA B 347 -16.40 -3.24 -30.87
C ALA B 347 -17.55 -4.26 -30.93
N LEU B 348 -18.70 -3.89 -30.40
CA LEU B 348 -19.86 -4.79 -30.35
C LEU B 348 -20.37 -5.05 -31.78
N GLN B 349 -20.08 -4.15 -32.73
CA GLN B 349 -20.56 -4.26 -34.15
C GLN B 349 -19.61 -5.11 -34.97
N HIS B 350 -18.47 -5.50 -34.41
CA HIS B 350 -17.38 -6.19 -35.13
C HIS B 350 -17.83 -7.58 -35.58
N SER B 351 -17.33 -8.04 -36.72
CA SER B 351 -17.68 -9.35 -37.33
C SER B 351 -17.34 -10.49 -36.34
N PHE B 352 -16.51 -10.26 -35.32
CA PHE B 352 -16.23 -11.29 -34.31
C PHE B 352 -17.53 -11.68 -33.59
N PHE B 353 -18.48 -10.77 -33.44
CA PHE B 353 -19.72 -11.00 -32.66
C PHE B 353 -20.90 -11.38 -33.57
N LYS B 354 -20.76 -11.33 -34.90
CA LYS B 354 -21.87 -11.60 -35.87
C LYS B 354 -22.30 -13.08 -35.75
N LYS B 355 -23.60 -13.35 -35.78
CA LYS B 355 -24.18 -14.72 -35.71
C LYS B 355 -23.63 -15.59 -36.85
C1 RKK C . 9.08 -9.10 10.75
N1 RKK C . 13.58 -8.43 11.98
C2 RKK C . 10.48 -8.78 10.40
N2 RKK C . 15.77 -8.88 12.21
C3 RKK C . 11.44 -9.45 11.31
N3 RKK C . 13.74 -6.67 10.32
C4 RKK C . 12.14 -8.47 12.21
N4 RKK C . 10.86 -3.72 7.46
C5 RKK C . 14.56 -9.20 12.62
N5 RKK C . 12.91 -2.78 7.28
C6 RKK C . 14.25 -10.20 13.66
N6 RKK C . 14.95 -1.78 7.12
C7 RKK C . 13.49 -11.39 13.17
C8 RKK C . 13.14 -12.38 14.27
C9 RKK C . 14.33 -13.20 14.68
C10 RKK C . 15.59 -7.87 11.28
C11 RKK C . 16.50 -7.12 10.55
C12 RKK C . 16.00 -6.18 9.71
C13 RKK C . 14.61 -5.98 9.58
C14 RKK C . 14.25 -7.58 11.14
C15 RKK C . 14.03 -4.90 8.74
C16 RKK C . 12.67 -4.86 8.48
C17 RKK C . 12.15 -3.79 7.72
C18 RKK C . 14.22 -2.80 7.58
C19 RKK C . 14.82 -3.84 8.29
CL CL D . -10.49 12.15 10.90
C1 RKK E . -11.11 -11.85 -3.04
N1 RKK E . -15.39 -11.91 -4.59
C2 RKK E . -12.55 -11.67 -2.66
N2 RKK E . -17.63 -11.99 -4.55
C3 RKK E . -13.44 -12.71 -3.29
N3 RKK E . -15.15 -9.47 -4.61
C4 RKK E . -13.98 -12.29 -4.63
N4 RKK E . -11.76 -5.75 -4.11
C5 RKK E . -16.51 -12.70 -4.52
N5 RKK E . -13.63 -4.66 -4.83
C6 RKK E . -16.50 -14.19 -4.59
N6 RKK E . -15.54 -3.55 -5.54
C7 RKK E . -15.94 -14.92 -3.42
C8 RKK E . -16.46 -16.36 -3.35
C9 RKK E . -15.41 -17.33 -2.86
C10 RKK E . -17.22 -10.67 -4.54
C11 RKK E . -17.97 -9.49 -4.55
C12 RKK E . -17.27 -8.32 -4.59
C13 RKK E . -15.86 -8.32 -4.63
C14 RKK E . -15.85 -10.59 -4.58
C15 RKK E . -15.08 -7.06 -4.68
C16 RKK E . -13.73 -7.02 -4.36
C17 RKK E . -13.04 -5.80 -4.44
C18 RKK E . -14.94 -4.68 -5.14
C19 RKK E . -15.68 -5.88 -5.10
CL CL F . -8.23 14.33 -16.26
#